data_2X1H
#
_entry.id   2X1H
#
_cell.length_a   46.650
_cell.length_b   52.040
_cell.length_c   75.440
_cell.angle_alpha   94.32
_cell.angle_beta   91.44
_cell.angle_gamma   102.24
#
_symmetry.space_group_name_H-M   'P 1'
#
loop_
_entity.id
_entity.type
_entity.pdbx_description
1 polymer 'ZINC-BINDING ALCOHOL DEHYDROGENASE DOMAIN-CONTAINING PROTEIN 2'
2 non-polymer 1,2-ETHANEDIOL
3 non-polymer 'NADP NICOTINAMIDE-ADENINE-DINUCLEOTIDE PHOSPHATE'
4 non-polymer [6-HYDROXY-2-(4-HYDROXYPHENYL)-1-BENZOTHIOPHEN-3-YL](4-METHOXYPHENYL)METHANONE
5 water water
#
_entity_poly.entity_id   1
_entity_poly.type   'polypeptide(L)'
_entity_poly.pdbx_seq_one_letter_code
;MHHHHHHSSGVDLGTENLYFQSMMQKLVVTRLSPNFREAVTLSRDCPVPLPGDGDLLVRNRFVGVNASDINYSAGRYDPS
VKPPFDIGFEGIGEVVALGLSASARYTVGQAVAYMAPGSFAEYTVVPASIATPVPSVKPEYLTLLVSGTTAYISLKELGG
LSEGKKVLVTAAAGGTGQFAMQLSKKAKCHVIGTCSSDEKSAFLKSLGCDRPINYKTEPVGTVLKQEYPEGVDVVYESVG
GAMFDLAVDALATKGRLIVIGFISGYQTPTGLSPVKAGTLPAKLLKKSASVQGFFLNHYLSKYQAAMSHLLEMCVSGDLV
CEVDLGDLSPEGRFTGLESIFRAVNYMYMGKNTGKIVVELPH
;
_entity_poly.pdbx_strand_id   A,B
#
loop_
_chem_comp.id
_chem_comp.type
_chem_comp.name
_chem_comp.formula
EDO non-polymer 1,2-ETHANEDIOL 'C2 H6 O2'
NAP non-polymer 'NADP NICOTINAMIDE-ADENINE-DINUCLEOTIDE PHOSPHATE' 'C21 H28 N7 O17 P3'
X1H non-polymer [6-HYDROXY-2-(4-HYDROXYPHENYL)-1-BENZOTHIOPHEN-3-YL](4-METHOXYPHENYL)METHANONE 'C22 H16 O4 S'
#
# COMPACT_ATOMS: atom_id res chain seq x y z
N SER A 22 22.28 17.38 9.43
CA SER A 22 21.48 18.51 9.92
C SER A 22 19.97 18.23 9.92
N MET A 23 19.39 17.82 8.79
CA MET A 23 18.05 17.26 8.74
C MET A 23 18.10 15.88 8.09
N MET A 24 17.02 15.12 8.20
CA MET A 24 17.06 13.73 7.79
C MET A 24 15.66 13.21 7.49
N GLN A 25 15.60 11.99 6.95
CA GLN A 25 14.33 11.31 6.77
C GLN A 25 14.09 10.30 7.90
N LYS A 26 12.83 10.09 8.26
CA LYS A 26 12.44 9.01 9.15
C LYS A 26 10.98 8.64 8.96
N LEU A 27 10.64 7.42 9.33
CA LEU A 27 9.25 6.99 9.29
C LEU A 27 8.53 7.42 10.56
N VAL A 28 7.26 7.79 10.44
CA VAL A 28 6.49 8.19 11.60
C VAL A 28 5.08 7.62 11.54
N VAL A 29 4.63 7.04 12.65
CA VAL A 29 3.25 6.61 12.76
C VAL A 29 2.39 7.86 12.94
N THR A 30 1.54 8.15 11.97
CA THR A 30 0.71 9.35 12.02
C THR A 30 -0.76 9.01 12.24
N ARG A 31 -1.08 7.72 12.08
CA ARG A 31 -2.44 7.24 12.29
C ARG A 31 -2.38 5.79 12.78
N LEU A 32 -3.12 5.47 13.84
CA LEU A 32 -3.08 4.12 14.40
C LEU A 32 -3.80 3.12 13.50
N SER A 33 -3.07 2.09 13.08
CA SER A 33 -3.62 1.07 12.21
C SER A 33 -2.63 -0.06 11.94
N PRO A 34 -3.15 -1.28 11.76
CA PRO A 34 -2.32 -2.46 11.44
C PRO A 34 -1.93 -2.47 9.97
N ASN A 35 -2.54 -1.60 9.17
CA ASN A 35 -2.15 -1.46 7.77
C ASN A 35 -0.99 -0.47 7.73
N PHE A 36 0.22 -1.01 7.58
CA PHE A 36 1.45 -0.22 7.70
C PHE A 36 1.46 0.99 6.78
N ARG A 37 1.02 0.79 5.55
CA ARG A 37 1.04 1.84 4.55
C ARG A 37 0.11 2.98 5.01
N GLU A 38 -1.04 2.61 5.57
CA GLU A 38 -2.02 3.61 5.96
C GLU A 38 -1.71 4.25 7.31
N ALA A 39 -0.87 3.59 8.11
CA ALA A 39 -0.51 4.09 9.43
C ALA A 39 0.73 4.99 9.45
N VAL A 40 1.67 4.73 8.55
CA VAL A 40 3.01 5.33 8.65
C VAL A 40 3.31 6.29 7.50
N THR A 41 4.00 7.38 7.82
CA THR A 41 4.38 8.37 6.82
C THR A 41 5.89 8.58 6.82
N LEU A 42 6.46 8.74 5.63
CA LEU A 42 7.85 9.14 5.50
C LEU A 42 7.98 10.65 5.62
N SER A 43 8.61 11.10 6.70
CA SER A 43 8.84 12.53 6.95
C SER A 43 10.23 12.94 6.46
N ARG A 44 10.28 13.98 5.64
CA ARG A 44 11.46 14.29 4.83
C ARG A 44 12.37 15.43 5.31
N ASP A 45 11.91 16.27 6.24
CA ASP A 45 12.74 17.39 6.71
C ASP A 45 12.89 17.45 8.22
N CYS A 46 13.19 16.30 8.82
CA CYS A 46 13.24 16.21 10.27
C CYS A 46 14.62 16.58 10.77
N PRO A 47 14.68 17.30 11.89
CA PRO A 47 15.97 17.64 12.49
C PRO A 47 16.67 16.39 12.99
N VAL A 48 17.98 16.30 12.77
CA VAL A 48 18.75 15.21 13.31
C VAL A 48 18.85 15.39 14.82
N PRO A 49 18.43 14.36 15.58
CA PRO A 49 18.42 14.45 17.04
C PRO A 49 19.84 14.44 17.59
N LEU A 50 20.04 15.10 18.72
CA LEU A 50 21.36 15.13 19.36
C LEU A 50 21.41 14.18 20.54
N PRO A 51 22.51 13.43 20.67
CA PRO A 51 22.64 12.49 21.78
C PRO A 51 22.86 13.20 23.10
N GLY A 52 22.32 12.63 24.17
CA GLY A 52 22.53 13.16 25.51
C GLY A 52 23.84 12.64 26.09
N ASP A 53 24.13 13.03 27.32
CA ASP A 53 25.37 12.66 27.98
C ASP A 53 25.63 11.15 27.94
N GLY A 54 24.56 10.37 28.11
CA GLY A 54 24.68 8.92 28.13
C GLY A 54 24.17 8.24 26.87
N ASP A 55 24.06 8.99 25.78
CA ASP A 55 23.52 8.47 24.53
C ASP A 55 24.54 8.37 23.41
N LEU A 56 24.28 7.46 22.48
CA LEU A 56 24.98 7.41 21.20
C LEU A 56 24.05 7.95 20.12
N LEU A 57 24.61 8.62 19.12
CA LEU A 57 23.88 8.95 17.91
C LEU A 57 24.35 8.00 16.83
N VAL A 58 23.44 7.14 16.36
CA VAL A 58 23.80 6.09 15.44
C VAL A 58 23.30 6.37 14.04
N ARG A 59 24.20 6.36 13.07
CA ARG A 59 23.80 6.43 11.68
C ARG A 59 23.47 5.02 11.22
N ASN A 60 22.18 4.76 11.06
CA ASN A 60 21.69 3.44 10.67
C ASN A 60 22.10 3.04 9.26
N ARG A 61 22.72 1.87 9.12
CA ARG A 61 23.04 1.33 7.81
C ARG A 61 22.11 0.18 7.41
N PHE A 62 21.72 -0.64 8.38
CA PHE A 62 20.67 -1.63 8.15
C PHE A 62 19.67 -1.55 9.30
N VAL A 63 18.39 -1.74 8.97
CA VAL A 63 17.36 -1.80 9.98
C VAL A 63 16.52 -3.05 9.78
N GLY A 64 15.97 -3.57 10.87
CA GLY A 64 15.22 -4.81 10.85
C GLY A 64 13.73 -4.59 10.65
N VAL A 65 13.13 -5.42 9.81
CA VAL A 65 11.70 -5.42 9.63
C VAL A 65 11.14 -6.60 10.43
N ASN A 66 10.18 -6.32 11.30
CA ASN A 66 9.63 -7.31 12.22
C ASN A 66 8.13 -7.45 12.04
N ALA A 67 7.61 -8.67 12.17
CA ALA A 67 6.18 -8.88 12.04
C ALA A 67 5.41 -7.90 12.92
N SER A 68 5.89 -7.68 14.14
CA SER A 68 5.15 -6.83 15.09
CA SER A 68 5.17 -6.84 15.10
C SER A 68 5.25 -5.34 14.83
N ASP A 69 5.94 -4.94 13.77
CA ASP A 69 5.97 -3.54 13.35
C ASP A 69 4.54 -3.03 13.13
N ILE A 70 3.66 -3.90 12.63
CA ILE A 70 2.26 -3.47 12.40
C ILE A 70 1.41 -3.52 13.66
N ASN A 71 1.84 -4.32 14.64
CA ASN A 71 1.18 -4.27 15.93
C ASN A 71 1.52 -2.93 16.56
N TYR A 72 2.75 -2.47 16.32
CA TYR A 72 3.24 -1.22 16.87
C TYR A 72 2.50 -0.03 16.24
N SER A 73 2.36 -0.07 14.92
CA SER A 73 1.68 1.02 14.22
C SER A 73 0.19 1.02 14.55
N ALA A 74 -0.31 -0.12 14.98
CA ALA A 74 -1.71 -0.23 15.40
C ALA A 74 -1.93 0.37 16.78
N GLY A 75 -0.83 0.64 17.49
CA GLY A 75 -0.89 1.23 18.81
C GLY A 75 -1.08 0.20 19.92
N ARG A 76 -0.86 -1.07 19.59
CA ARG A 76 -1.18 -2.15 20.53
C ARG A 76 -0.22 -2.28 21.72
N TYR A 77 0.99 -1.75 21.60
CA TYR A 77 1.94 -1.80 22.71
C TYR A 77 1.49 -0.91 23.88
N ASP A 78 0.90 0.23 23.56
CA ASP A 78 0.38 1.14 24.56
C ASP A 78 -0.71 2.02 23.97
N PRO A 79 -1.97 1.56 24.06
CA PRO A 79 -3.14 2.21 23.44
C PRO A 79 -3.40 3.63 23.96
N SER A 80 -2.71 4.03 25.02
CA SER A 80 -2.89 5.37 25.56
C SER A 80 -2.01 6.40 24.84
N VAL A 81 -1.21 5.92 23.89
CA VAL A 81 -0.26 6.77 23.20
C VAL A 81 -0.70 7.12 21.78
N LYS A 82 -1.08 8.38 21.58
CA LYS A 82 -1.54 8.84 20.27
C LYS A 82 -0.36 9.19 19.37
N PRO A 83 -0.56 9.08 18.04
CA PRO A 83 0.43 9.53 17.07
C PRO A 83 0.70 11.01 17.24
N PRO A 84 1.84 11.51 16.71
CA PRO A 84 2.81 10.70 15.97
C PRO A 84 3.85 10.10 16.90
N PHE A 85 4.41 8.96 16.51
CA PHE A 85 5.56 8.42 17.23
C PHE A 85 6.49 7.66 16.30
N ASP A 86 7.73 7.50 16.73
CA ASP A 86 8.75 6.85 15.91
C ASP A 86 8.49 5.34 15.85
N ILE A 87 9.14 4.66 14.92
CA ILE A 87 8.87 3.25 14.68
C ILE A 87 10.14 2.53 14.22
N GLY A 88 10.16 1.21 14.37
CA GLY A 88 11.35 0.43 14.07
C GLY A 88 12.04 -0.02 15.33
N PHE A 89 12.23 -1.33 15.48
CA PHE A 89 12.70 -1.91 16.72
C PHE A 89 14.23 -2.10 16.82
N GLU A 90 14.94 -2.09 15.69
CA GLU A 90 16.34 -2.51 15.68
C GLU A 90 17.14 -1.93 14.52
N GLY A 91 18.41 -1.63 14.79
CA GLY A 91 19.29 -1.09 13.78
C GLY A 91 20.76 -1.43 14.02
N ILE A 92 21.57 -1.25 12.98
CA ILE A 92 23.02 -1.38 13.11
C ILE A 92 23.65 -0.32 12.22
N GLY A 93 24.74 0.27 12.71
CA GLY A 93 25.42 1.34 12.00
C GLY A 93 26.62 1.85 12.76
N GLU A 94 27.02 3.06 12.42
CA GLU A 94 28.18 3.70 13.02
C GLU A 94 27.78 4.78 14.02
N VAL A 95 28.52 4.85 15.11
CA VAL A 95 28.40 5.95 16.05
C VAL A 95 28.97 7.19 15.39
N VAL A 96 28.15 8.21 15.18
CA VAL A 96 28.62 9.44 14.54
C VAL A 96 28.81 10.56 15.55
N ALA A 97 28.19 10.40 16.72
CA ALA A 97 28.33 11.35 17.79
C ALA A 97 27.83 10.70 19.07
N LEU A 98 28.35 11.16 20.21
CA LEU A 98 27.93 10.61 21.49
C LEU A 98 28.20 11.61 22.59
N GLY A 99 27.47 11.46 23.70
CA GLY A 99 27.69 12.30 24.86
C GLY A 99 28.99 11.95 25.54
N LEU A 100 29.45 12.85 26.42
CA LEU A 100 30.72 12.69 27.10
C LEU A 100 30.81 11.39 27.91
N SER A 101 29.77 11.09 28.68
CA SER A 101 29.77 9.88 29.49
C SER A 101 29.82 8.62 28.64
N ALA A 102 29.08 8.62 27.54
CA ALA A 102 29.08 7.46 26.64
C ALA A 102 30.45 7.24 26.02
N SER A 103 31.21 8.32 25.86
CA SER A 103 32.53 8.26 25.24
C SER A 103 33.54 7.42 26.02
N ALA A 104 33.21 7.08 27.26
CA ALA A 104 34.10 6.22 28.05
C ALA A 104 34.15 4.80 27.50
N ARG A 105 33.09 4.41 26.80
CA ARG A 105 32.95 3.05 26.29
C ARG A 105 32.95 2.98 24.77
N TYR A 106 32.36 3.98 24.15
CA TYR A 106 32.22 3.98 22.69
C TYR A 106 32.96 5.13 22.07
N THR A 107 33.21 5.02 20.78
CA THR A 107 33.99 6.02 20.08
C THR A 107 33.36 6.30 18.72
N VAL A 108 33.55 7.53 18.22
CA VAL A 108 33.03 7.88 16.91
C VAL A 108 33.59 6.95 15.83
N GLY A 109 32.71 6.47 14.96
CA GLY A 109 33.10 5.57 13.89
C GLY A 109 32.90 4.11 14.24
N GLN A 110 32.62 3.84 15.51
CA GLN A 110 32.49 2.46 15.97
C GLN A 110 31.19 1.81 15.50
N ALA A 111 31.28 0.53 15.15
CA ALA A 111 30.12 -0.26 14.75
C ALA A 111 29.31 -0.71 15.95
N VAL A 112 28.02 -0.39 15.97
CA VAL A 112 27.14 -0.80 17.05
C VAL A 112 25.79 -1.25 16.51
N ALA A 113 25.17 -2.17 17.24
CA ALA A 113 23.83 -2.64 16.94
C ALA A 113 22.97 -2.39 18.17
N TYR A 114 21.65 -2.31 17.99
CA TYR A 114 20.80 -2.04 19.14
C TYR A 114 19.36 -2.52 18.94
N MET A 115 18.69 -2.77 20.05
CA MET A 115 17.24 -2.97 20.05
C MET A 115 16.62 -1.84 20.85
N ALA A 116 15.99 -0.90 20.15
CA ALA A 116 15.37 0.24 20.78
C ALA A 116 14.44 0.91 19.77
N PRO A 117 13.40 1.61 20.24
CA PRO A 117 12.39 2.16 19.34
C PRO A 117 12.95 3.29 18.50
N GLY A 118 12.46 3.41 17.26
CA GLY A 118 12.82 4.52 16.40
C GLY A 118 13.96 4.24 15.45
N SER A 119 14.15 2.96 15.10
CA SER A 119 15.25 2.61 14.22
C SER A 119 14.98 2.98 12.75
N PHE A 120 13.71 3.17 12.41
CA PHE A 120 13.34 3.55 11.05
C PHE A 120 13.58 5.04 10.84
N ALA A 121 14.84 5.39 10.74
CA ALA A 121 15.28 6.77 10.57
C ALA A 121 16.72 6.72 10.08
N GLU A 122 17.19 7.81 9.48
CA GLU A 122 18.58 7.85 9.04
C GLU A 122 19.53 7.88 10.25
N TYR A 123 19.10 8.55 11.31
CA TYR A 123 19.87 8.64 12.55
C TYR A 123 18.96 8.37 13.73
N THR A 124 19.46 7.60 14.71
CA THR A 124 18.70 7.27 15.89
C THR A 124 19.53 7.48 17.16
N VAL A 125 18.96 8.15 18.15
CA VAL A 125 19.60 8.29 19.44
C VAL A 125 19.36 7.04 20.29
N VAL A 126 20.46 6.44 20.76
CA VAL A 126 20.42 5.19 21.52
C VAL A 126 21.24 5.28 22.79
N PRO A 127 20.63 4.99 23.94
CA PRO A 127 21.34 4.95 25.22
C PRO A 127 22.51 4.00 25.14
N ALA A 128 23.70 4.49 25.47
CA ALA A 128 24.91 3.68 25.38
C ALA A 128 24.78 2.36 26.13
N SER A 129 24.01 2.38 27.22
CA SER A 129 23.90 1.21 28.10
C SER A 129 23.17 0.02 27.49
N ILE A 130 22.45 0.24 26.38
CA ILE A 130 21.74 -0.87 25.76
C ILE A 130 22.33 -1.27 24.42
N ALA A 131 23.25 -0.45 23.91
CA ALA A 131 23.92 -0.75 22.65
C ALA A 131 24.73 -2.03 22.75
N THR A 132 24.94 -2.67 21.61
CA THR A 132 25.75 -3.87 21.52
C THR A 132 26.89 -3.59 20.57
N PRO A 133 28.13 -3.52 21.10
CA PRO A 133 29.28 -3.43 20.21
C PRO A 133 29.31 -4.63 19.26
N VAL A 134 29.57 -4.39 17.98
CA VAL A 134 29.67 -5.48 17.02
C VAL A 134 30.97 -5.37 16.21
N PRO A 135 31.43 -6.49 15.64
CA PRO A 135 32.72 -6.50 14.95
C PRO A 135 32.78 -5.52 13.78
N SER A 136 31.67 -5.39 13.05
CA SER A 136 31.57 -4.44 11.96
C SER A 136 30.10 -4.29 11.58
N VAL A 137 29.82 -3.43 10.60
CA VAL A 137 28.44 -3.24 10.20
C VAL A 137 28.04 -4.25 9.13
N LYS A 138 27.51 -5.38 9.58
CA LYS A 138 27.06 -6.43 8.68
C LYS A 138 25.61 -6.77 9.01
N PRO A 139 24.79 -7.03 7.98
CA PRO A 139 23.39 -7.37 8.26
C PRO A 139 23.21 -8.65 9.11
N GLU A 140 24.13 -9.60 8.96
CA GLU A 140 24.06 -10.84 9.74
C GLU A 140 23.99 -10.58 11.23
N TYR A 141 24.74 -9.58 11.69
CA TYR A 141 24.74 -9.26 13.11
C TYR A 141 23.38 -8.71 13.53
N LEU A 142 22.72 -8.01 12.62
CA LEU A 142 21.42 -7.46 12.93
C LEU A 142 20.39 -8.58 13.12
N THR A 143 20.54 -9.67 12.38
CA THR A 143 19.58 -10.76 12.52
C THR A 143 19.55 -11.28 13.97
N LEU A 144 20.61 -11.05 14.72
CA LEU A 144 20.72 -11.63 16.06
C LEU A 144 19.93 -10.86 17.11
N LEU A 145 19.73 -9.58 16.84
CA LEU A 145 19.25 -8.62 17.84
C LEU A 145 17.88 -8.92 18.44
N VAL A 146 16.94 -9.28 17.58
CA VAL A 146 15.57 -9.55 18.02
C VAL A 146 15.22 -10.99 17.68
N SER A 147 15.46 -11.38 16.43
CA SER A 147 15.14 -12.72 15.95
C SER A 147 15.96 -13.81 16.63
N GLY A 148 17.25 -13.56 16.76
CA GLY A 148 18.14 -14.53 17.38
C GLY A 148 17.91 -14.65 18.87
N THR A 149 17.88 -13.51 19.55
CA THR A 149 17.71 -13.51 21.02
C THR A 149 16.37 -14.09 21.45
N THR A 150 15.33 -13.82 20.67
CA THR A 150 14.00 -14.35 20.98
C THR A 150 14.02 -15.86 20.98
N ALA A 151 14.61 -16.46 19.96
CA ALA A 151 14.71 -17.93 19.91
C ALA A 151 15.62 -18.47 21.00
N TYR A 152 16.75 -17.82 21.21
CA TYR A 152 17.76 -18.25 22.16
C TYR A 152 17.18 -18.29 23.57
N ILE A 153 16.61 -17.16 23.96
CA ILE A 153 16.12 -17.01 25.33
C ILE A 153 14.87 -17.84 25.60
N SER A 154 13.88 -17.75 24.71
CA SER A 154 12.67 -18.56 24.90
C SER A 154 12.95 -20.07 25.00
N LEU A 155 13.77 -20.60 24.10
CA LEU A 155 14.01 -22.03 24.12
C LEU A 155 14.84 -22.47 25.32
N LYS A 156 15.82 -21.66 25.70
CA LYS A 156 16.63 -21.98 26.87
C LYS A 156 15.83 -21.86 28.19
N GLU A 157 15.02 -20.81 28.30
CA GLU A 157 14.30 -20.58 29.55
C GLU A 157 13.06 -21.43 29.70
N LEU A 158 12.41 -21.75 28.58
CA LEU A 158 11.07 -22.33 28.62
C LEU A 158 10.97 -23.66 27.89
N GLY A 159 11.99 -23.97 27.10
CA GLY A 159 11.94 -25.09 26.17
C GLY A 159 12.16 -26.46 26.78
N GLY A 160 12.92 -26.52 27.86
CA GLY A 160 13.28 -27.79 28.46
C GLY A 160 13.92 -28.73 27.47
N LEU A 161 14.75 -28.17 26.58
CA LEU A 161 15.37 -28.96 25.53
C LEU A 161 16.42 -29.94 26.08
N SER A 162 16.55 -31.09 25.42
CA SER A 162 17.57 -32.09 25.74
C SER A 162 17.56 -33.13 24.62
N GLU A 163 18.58 -33.97 24.58
CA GLU A 163 18.75 -34.87 23.43
C GLU A 163 17.51 -35.73 23.17
N GLY A 164 17.02 -35.73 21.93
CA GLY A 164 15.92 -36.62 21.57
C GLY A 164 14.53 -36.01 21.61
N LYS A 165 14.42 -34.86 22.25
CA LYS A 165 13.16 -34.13 22.27
C LYS A 165 12.78 -33.81 20.82
N LYS A 166 11.49 -33.91 20.53
CA LYS A 166 10.99 -33.52 19.22
C LYS A 166 10.43 -32.10 19.28
N VAL A 167 10.91 -31.24 18.39
CA VAL A 167 10.56 -29.83 18.42
C VAL A 167 9.93 -29.41 17.11
N LEU A 168 8.77 -28.76 17.19
CA LEU A 168 8.10 -28.24 16.01
C LEU A 168 8.25 -26.74 15.93
N VAL A 169 8.78 -26.26 14.81
CA VAL A 169 8.98 -24.83 14.62
C VAL A 169 8.13 -24.36 13.44
N THR A 170 7.25 -23.40 13.69
CA THR A 170 6.47 -22.82 12.60
C THR A 170 7.11 -21.52 12.12
N ALA A 171 6.77 -21.10 10.90
CA ALA A 171 7.52 -20.05 10.19
C ALA A 171 9.02 -20.34 10.30
N ALA A 172 9.38 -21.60 10.06
CA ALA A 172 10.73 -22.11 10.36
C ALA A 172 11.82 -21.50 9.46
N ALA A 173 11.42 -21.06 8.28
CA ALA A 173 12.34 -20.46 7.33
C ALA A 173 12.37 -18.94 7.46
N GLY A 174 11.81 -18.41 8.54
CA GLY A 174 11.73 -16.98 8.72
C GLY A 174 12.82 -16.41 9.63
N GLY A 175 12.67 -15.14 9.97
CA GLY A 175 13.69 -14.42 10.71
C GLY A 175 14.10 -15.08 12.01
N THR A 176 13.13 -15.30 12.90
CA THR A 176 13.43 -15.97 14.17
C THR A 176 13.36 -17.49 14.06
N GLY A 177 12.52 -17.98 13.15
CA GLY A 177 12.38 -19.41 12.95
C GLY A 177 13.68 -20.11 12.60
N GLN A 178 14.51 -19.47 11.77
CA GLN A 178 15.79 -20.08 11.40
C GLN A 178 16.66 -20.37 12.62
N PHE A 179 16.54 -19.53 13.64
CA PHE A 179 17.35 -19.72 14.84
C PHE A 179 16.76 -20.77 15.77
N ALA A 180 15.44 -20.79 15.91
CA ALA A 180 14.79 -21.78 16.76
C ALA A 180 15.15 -23.16 16.24
N MET A 181 15.17 -23.26 14.92
CA MET A 181 15.53 -24.45 14.20
C MET A 181 16.94 -24.92 14.58
N GLN A 182 17.91 -24.06 14.26
CA GLN A 182 19.32 -24.40 14.47
C GLN A 182 19.71 -24.66 15.92
N LEU A 183 19.20 -23.83 16.83
CA LEU A 183 19.52 -23.99 18.24
C LEU A 183 18.96 -25.30 18.76
N SER A 184 17.78 -25.68 18.29
CA SER A 184 17.17 -26.93 18.68
C SER A 184 18.05 -28.08 18.19
N LYS A 185 18.56 -27.95 16.97
CA LYS A 185 19.47 -28.97 16.43
C LYS A 185 20.75 -29.10 17.26
N LYS A 186 21.30 -27.97 17.69
CA LYS A 186 22.50 -27.97 18.50
C LYS A 186 22.22 -28.62 19.87
N ALA A 187 20.99 -28.51 20.33
CA ALA A 187 20.58 -29.19 21.56
C ALA A 187 20.26 -30.67 21.30
N LYS A 188 20.59 -31.14 20.11
CA LYS A 188 20.40 -32.54 19.74
C LYS A 188 18.94 -32.98 19.69
N CYS A 189 18.06 -32.05 19.40
CA CYS A 189 16.65 -32.36 19.24
C CYS A 189 16.36 -32.83 17.81
N HIS A 190 15.26 -33.56 17.67
CA HIS A 190 14.72 -33.90 16.36
C HIS A 190 13.78 -32.76 15.98
N VAL A 191 14.04 -32.11 14.85
CA VAL A 191 13.29 -30.89 14.54
C VAL A 191 12.43 -30.97 13.27
N ILE A 192 11.18 -30.53 13.39
CA ILE A 192 10.25 -30.42 12.28
C ILE A 192 10.02 -28.94 12.03
N GLY A 193 9.99 -28.52 10.78
CA GLY A 193 9.77 -27.12 10.48
C GLY A 193 8.75 -26.86 9.38
N THR A 194 7.83 -25.92 9.61
CA THR A 194 6.82 -25.63 8.57
C THR A 194 7.22 -24.42 7.76
N CYS A 195 6.89 -24.45 6.46
CA CYS A 195 7.13 -23.30 5.59
C CYS A 195 6.22 -23.40 4.37
N SER A 196 6.28 -22.40 3.48
CA SER A 196 5.29 -22.33 2.39
C SER A 196 5.82 -22.60 0.98
N SER A 197 7.05 -23.07 0.85
CA SER A 197 7.60 -23.33 -0.49
C SER A 197 8.66 -24.41 -0.48
N ASP A 198 8.85 -25.07 -1.62
CA ASP A 198 9.88 -26.10 -1.76
C ASP A 198 11.27 -25.49 -1.58
N GLU A 199 11.45 -24.25 -2.01
CA GLU A 199 12.72 -23.54 -1.83
C GLU A 199 12.98 -23.29 -0.36
N LYS A 200 11.94 -22.89 0.35
CA LYS A 200 12.05 -22.74 1.81
C LYS A 200 12.36 -24.08 2.47
N SER A 201 11.77 -25.17 1.98
CA SER A 201 12.01 -26.49 2.56
C SER A 201 13.47 -26.89 2.37
N ALA A 202 14.02 -26.57 1.20
CA ALA A 202 15.41 -26.84 0.92
C ALA A 202 16.33 -26.06 1.88
N PHE A 203 15.96 -24.81 2.17
CA PHE A 203 16.69 -24.01 3.13
C PHE A 203 16.66 -24.68 4.48
N LEU A 204 15.50 -25.17 4.88
CA LEU A 204 15.36 -25.87 6.14
C LEU A 204 16.26 -27.09 6.18
N LYS A 205 16.23 -27.87 5.09
CA LYS A 205 17.10 -29.04 5.01
C LYS A 205 18.58 -28.65 5.21
N SER A 206 18.96 -27.51 4.64
CA SER A 206 20.34 -27.04 4.74
C SER A 206 20.72 -26.63 6.17
N LEU A 207 19.72 -26.34 6.99
CA LEU A 207 19.96 -25.97 8.39
C LEU A 207 19.93 -27.22 9.26
N GLY A 208 19.72 -28.36 8.64
CA GLY A 208 19.67 -29.62 9.37
C GLY A 208 18.28 -30.02 9.86
N CYS A 209 17.25 -29.40 9.32
CA CYS A 209 15.88 -29.81 9.62
C CYS A 209 15.71 -31.28 9.37
N ASP A 210 15.17 -31.98 10.36
CA ASP A 210 14.87 -33.40 10.19
C ASP A 210 13.66 -33.63 9.29
N ARG A 211 12.65 -32.79 9.44
CA ARG A 211 11.42 -32.94 8.66
C ARG A 211 10.88 -31.60 8.20
N PRO A 212 11.40 -31.07 7.08
CA PRO A 212 10.77 -29.89 6.50
C PRO A 212 9.37 -30.24 6.04
N ILE A 213 8.42 -29.32 6.21
CA ILE A 213 7.07 -29.50 5.69
C ILE A 213 6.61 -28.24 4.96
N ASN A 214 6.39 -28.38 3.66
CA ASN A 214 5.76 -27.31 2.89
C ASN A 214 4.27 -27.47 3.13
N TYR A 215 3.71 -26.62 3.99
CA TYR A 215 2.32 -26.77 4.41
C TYR A 215 1.32 -26.47 3.29
N LYS A 216 1.79 -25.85 2.21
CA LYS A 216 0.94 -25.58 1.07
C LYS A 216 0.75 -26.83 0.20
N THR A 217 1.67 -27.77 0.28
CA THR A 217 1.62 -28.95 -0.57
C THR A 217 1.44 -30.23 0.21
N GLU A 218 1.56 -30.14 1.53
CA GLU A 218 1.46 -31.32 2.38
C GLU A 218 0.74 -30.96 3.68
N PRO A 219 -0.30 -31.74 4.02
CA PRO A 219 -1.14 -31.48 5.20
C PRO A 219 -0.38 -31.71 6.49
N VAL A 220 -0.10 -30.63 7.22
CA VAL A 220 0.71 -30.71 8.43
C VAL A 220 0.11 -31.64 9.48
N GLY A 221 -1.21 -31.55 9.67
CA GLY A 221 -1.88 -32.35 10.67
C GLY A 221 -1.67 -33.84 10.42
N THR A 222 -1.75 -34.21 9.15
CA THR A 222 -1.59 -35.60 8.77
C THR A 222 -0.15 -36.07 8.93
N VAL A 223 0.81 -35.22 8.53
CA VAL A 223 2.21 -35.54 8.74
C VAL A 223 2.48 -35.78 10.22
N LEU A 224 1.95 -34.91 11.08
CA LEU A 224 2.20 -35.04 12.51
C LEU A 224 1.57 -36.32 13.08
N LYS A 225 0.33 -36.58 12.71
CA LYS A 225 -0.39 -37.73 13.23
C LYS A 225 0.26 -39.04 12.82
N GLN A 226 0.73 -39.09 11.58
CA GLN A 226 1.30 -40.32 11.03
C GLN A 226 2.75 -40.54 11.40
N GLU A 227 3.57 -39.48 11.31
CA GLU A 227 5.00 -39.62 11.52
C GLU A 227 5.42 -39.38 12.97
N TYR A 228 4.55 -38.75 13.74
CA TYR A 228 4.81 -38.45 15.14
C TYR A 228 3.61 -38.78 16.00
N PRO A 229 3.19 -40.05 15.97
CA PRO A 229 1.97 -40.52 16.64
C PRO A 229 1.97 -40.22 18.14
N GLU A 230 3.13 -40.26 18.78
CA GLU A 230 3.19 -39.98 20.19
C GLU A 230 3.34 -38.48 20.49
N GLY A 231 3.41 -37.68 19.42
CA GLY A 231 3.38 -36.23 19.57
C GLY A 231 4.73 -35.54 19.58
N VAL A 232 4.71 -34.22 19.67
CA VAL A 232 5.96 -33.44 19.75
C VAL A 232 6.10 -32.86 21.15
N ASP A 233 7.34 -32.66 21.61
CA ASP A 233 7.57 -32.26 23.00
C ASP A 233 7.56 -30.74 23.17
N VAL A 234 7.90 -30.02 22.10
CA VAL A 234 8.02 -28.58 22.20
C VAL A 234 7.54 -27.99 20.90
N VAL A 235 6.74 -26.92 20.97
CA VAL A 235 6.37 -26.17 19.77
C VAL A 235 6.82 -24.73 19.89
N TYR A 236 7.55 -24.27 18.88
CA TYR A 236 7.93 -22.86 18.77
C TYR A 236 6.91 -22.24 17.80
N GLU A 237 5.80 -21.75 18.34
CA GLU A 237 4.63 -21.41 17.53
C GLU A 237 4.53 -19.90 17.28
N SER A 238 4.69 -19.48 16.02
CA SER A 238 4.74 -18.06 15.65
C SER A 238 3.58 -17.61 14.77
N VAL A 239 2.74 -18.56 14.36
CA VAL A 239 1.73 -18.34 13.31
C VAL A 239 0.30 -18.16 13.82
N GLY A 240 -0.10 -18.94 14.81
CA GLY A 240 -1.45 -18.85 15.35
C GLY A 240 -2.50 -19.53 14.47
N GLY A 241 -3.76 -19.24 14.73
CA GLY A 241 -4.85 -19.76 13.92
C GLY A 241 -4.83 -21.27 13.80
N ALA A 242 -5.07 -21.77 12.59
CA ALA A 242 -5.17 -23.20 12.36
C ALA A 242 -3.87 -23.92 12.73
N MET A 243 -2.75 -23.24 12.54
CA MET A 243 -1.45 -23.86 12.86
C MET A 243 -1.32 -24.10 14.36
N PHE A 244 -1.73 -23.12 15.14
CA PHE A 244 -1.82 -23.25 16.60
C PHE A 244 -2.71 -24.41 17.00
N ASP A 245 -3.86 -24.55 16.32
CA ASP A 245 -4.79 -25.65 16.64
C ASP A 245 -4.12 -27.00 16.40
N LEU A 246 -3.47 -27.12 15.25
CA LEU A 246 -2.79 -28.37 14.88
C LEU A 246 -1.68 -28.70 15.87
N ALA A 247 -0.90 -27.70 16.25
CA ALA A 247 0.20 -27.92 17.18
C ALA A 247 -0.29 -28.38 18.55
N VAL A 248 -1.39 -27.80 19.03
CA VAL A 248 -1.95 -28.22 20.31
C VAL A 248 -2.30 -29.71 20.23
N ASP A 249 -2.99 -30.10 19.18
CA ASP A 249 -3.36 -31.49 18.99
C ASP A 249 -2.15 -32.42 18.91
N ALA A 250 -1.04 -31.90 18.38
CA ALA A 250 0.17 -32.70 18.22
C ALA A 250 1.07 -32.80 19.46
N LEU A 251 0.73 -32.10 20.54
CA LEU A 251 1.57 -32.13 21.74
C LEU A 251 1.65 -33.53 22.35
N ALA A 252 2.85 -33.91 22.76
CA ALA A 252 3.04 -35.16 23.49
C ALA A 252 2.57 -34.96 24.94
N THR A 253 2.52 -36.04 25.69
CA THR A 253 2.30 -35.92 27.13
C THR A 253 3.38 -35.01 27.71
N LYS A 254 2.95 -34.05 28.53
CA LYS A 254 3.85 -33.07 29.14
C LYS A 254 4.47 -32.10 28.13
N GLY A 255 3.92 -32.08 26.92
CA GLY A 255 4.40 -31.20 25.88
C GLY A 255 4.25 -29.71 26.18
N ARG A 256 5.13 -28.90 25.59
CA ARG A 256 5.08 -27.45 25.80
C ARG A 256 4.95 -26.70 24.48
N LEU A 257 3.87 -25.94 24.37
CA LEU A 257 3.69 -25.08 23.22
C LEU A 257 4.06 -23.68 23.65
N ILE A 258 5.04 -23.10 22.96
CA ILE A 258 5.45 -21.75 23.31
C ILE A 258 4.80 -20.81 22.33
N VAL A 259 4.02 -19.86 22.85
CA VAL A 259 3.41 -18.84 22.00
C VAL A 259 4.42 -17.71 21.81
N ILE A 260 5.09 -17.73 20.66
CA ILE A 260 6.07 -16.71 20.30
C ILE A 260 5.34 -15.59 19.57
N GLY A 261 4.28 -15.95 18.87
CA GLY A 261 3.53 -15.02 18.06
C GLY A 261 2.34 -15.67 17.40
N PHE A 262 1.59 -14.88 16.62
CA PHE A 262 0.49 -15.39 15.83
C PHE A 262 0.27 -14.45 14.64
N ILE A 263 1.25 -14.45 13.74
CA ILE A 263 1.30 -13.49 12.64
C ILE A 263 0.07 -13.53 11.73
N SER A 264 -0.58 -14.69 11.68
CA SER A 264 -1.77 -14.83 10.82
C SER A 264 -2.89 -13.89 11.24
N GLY A 265 -2.78 -13.30 12.43
CA GLY A 265 -3.84 -12.44 12.91
C GLY A 265 -3.51 -10.96 12.96
N TYR A 266 -2.24 -10.62 12.76
CA TYR A 266 -1.78 -9.25 13.05
C TYR A 266 -2.48 -8.18 12.20
N GLN A 267 -2.83 -8.51 10.96
CA GLN A 267 -3.42 -7.53 10.05
C GLN A 267 -4.90 -7.23 10.34
N THR A 268 -5.54 -8.09 11.12
CA THR A 268 -6.95 -7.93 11.42
C THR A 268 -7.13 -6.73 12.34
N PRO A 269 -8.37 -6.23 12.48
CA PRO A 269 -8.62 -5.08 13.35
C PRO A 269 -8.24 -5.30 14.82
N THR A 270 -8.40 -6.51 15.35
CA THR A 270 -7.98 -6.79 16.73
C THR A 270 -6.57 -7.36 16.80
N GLY A 271 -6.05 -7.81 15.66
CA GLY A 271 -4.71 -8.38 15.61
C GLY A 271 -4.69 -9.84 16.02
N LEU A 272 -5.86 -10.37 16.34
CA LEU A 272 -5.97 -11.74 16.81
C LEU A 272 -6.28 -12.71 15.67
N SER A 273 -5.89 -13.96 15.84
CA SER A 273 -6.24 -14.99 14.86
C SER A 273 -7.24 -15.95 15.47
N PRO A 274 -8.27 -16.34 14.69
CA PRO A 274 -9.27 -17.22 15.27
C PRO A 274 -8.65 -18.57 15.55
N VAL A 275 -8.91 -19.11 16.72
CA VAL A 275 -8.47 -20.43 17.11
C VAL A 275 -9.68 -21.20 17.62
N LYS A 276 -9.59 -22.52 17.56
CA LYS A 276 -10.65 -23.36 18.06
C LYS A 276 -10.26 -23.83 19.44
N ALA A 277 -10.29 -22.89 20.38
CA ALA A 277 -9.64 -23.05 21.67
C ALA A 277 -10.60 -23.40 22.80
N GLY A 278 -11.87 -23.57 22.47
CA GLY A 278 -12.88 -23.83 23.48
C GLY A 278 -12.54 -25.07 24.29
N THR A 279 -11.85 -26.01 23.65
CA THR A 279 -11.49 -27.27 24.29
C THR A 279 -10.01 -27.31 24.67
N LEU A 280 -9.35 -26.16 24.65
CA LEU A 280 -7.95 -26.09 25.00
C LEU A 280 -7.68 -26.56 26.44
N PRO A 281 -8.40 -26.01 27.43
CA PRO A 281 -8.06 -26.45 28.78
C PRO A 281 -8.20 -27.97 28.94
N ALA A 282 -9.20 -28.53 28.29
CA ALA A 282 -9.44 -29.97 28.38
C ALA A 282 -8.29 -30.76 27.78
N LYS A 283 -7.82 -30.32 26.62
CA LYS A 283 -6.71 -31.00 25.96
C LYS A 283 -5.43 -30.90 26.77
N LEU A 284 -5.21 -29.74 27.37
CA LEU A 284 -4.02 -29.53 28.19
C LEU A 284 -4.04 -30.40 29.43
N LEU A 285 -5.20 -30.50 30.06
CA LEU A 285 -5.30 -31.37 31.22
C LEU A 285 -5.04 -32.82 30.82
N LYS A 286 -5.68 -33.28 29.75
CA LYS A 286 -5.58 -34.67 29.34
C LYS A 286 -4.15 -35.10 29.03
N LYS A 287 -3.33 -34.15 28.62
CA LYS A 287 -1.95 -34.44 28.26
C LYS A 287 -0.95 -33.89 29.29
N SER A 288 -1.45 -33.32 30.39
CA SER A 288 -0.56 -32.62 31.30
C SER A 288 0.34 -31.67 30.53
N ALA A 289 -0.23 -31.01 29.52
CA ALA A 289 0.59 -30.20 28.63
C ALA A 289 0.36 -28.71 28.88
N SER A 290 1.19 -27.88 28.29
CA SER A 290 1.15 -26.46 28.59
C SER A 290 1.23 -25.56 27.37
N VAL A 291 0.66 -24.37 27.54
CA VAL A 291 0.71 -23.28 26.57
C VAL A 291 1.35 -22.11 27.32
N GLN A 292 2.54 -21.72 26.85
CA GLN A 292 3.38 -20.72 27.52
C GLN A 292 3.69 -19.52 26.62
N GLY A 293 3.28 -18.33 27.05
CA GLY A 293 3.59 -17.13 26.29
C GLY A 293 5.01 -16.66 26.49
N PHE A 294 5.55 -15.91 25.53
CA PHE A 294 6.90 -15.35 25.63
C PHE A 294 6.94 -13.96 25.02
N PHE A 295 7.43 -12.99 25.79
CA PHE A 295 7.58 -11.63 25.30
C PHE A 295 9.03 -11.22 25.60
N LEU A 296 9.80 -10.93 24.55
CA LEU A 296 11.22 -10.67 24.72
C LEU A 296 11.51 -9.68 25.86
N ASN A 297 10.73 -8.62 25.93
CA ASN A 297 10.98 -7.53 26.88
C ASN A 297 10.83 -7.91 28.36
N HIS A 298 10.30 -9.11 28.63
CA HIS A 298 10.19 -9.59 30.00
C HIS A 298 11.43 -10.36 30.43
N TYR A 299 12.36 -10.53 29.50
CA TYR A 299 13.52 -11.37 29.72
C TYR A 299 14.83 -10.62 29.45
N LEU A 300 14.80 -9.30 29.61
CA LEU A 300 15.97 -8.50 29.28
C LEU A 300 17.20 -8.87 30.13
N SER A 301 16.96 -9.43 31.31
CA SER A 301 18.08 -9.86 32.16
C SER A 301 18.88 -10.99 31.52
N LYS A 302 18.29 -11.64 30.53
CA LYS A 302 18.97 -12.71 29.81
C LYS A 302 19.58 -12.24 28.50
N TYR A 303 19.29 -11.00 28.13
CA TYR A 303 19.58 -10.51 26.78
C TYR A 303 21.07 -10.40 26.48
N GLN A 304 21.83 -9.78 27.37
CA GLN A 304 23.26 -9.58 27.11
C GLN A 304 24.01 -10.90 26.88
N ALA A 305 23.70 -11.91 27.69
CA ALA A 305 24.33 -13.23 27.55
C ALA A 305 23.90 -13.92 26.25
N ALA A 306 22.62 -13.82 25.92
CA ALA A 306 22.13 -14.42 24.68
C ALA A 306 22.84 -13.81 23.48
N MET A 307 22.92 -12.48 23.46
CA MET A 307 23.57 -11.79 22.35
C MET A 307 25.06 -12.12 22.29
N SER A 308 25.68 -12.30 23.45
CA SER A 308 27.09 -12.60 23.49
C SER A 308 27.31 -13.94 22.83
N HIS A 309 26.52 -14.93 23.23
CA HIS A 309 26.67 -16.26 22.63
C HIS A 309 26.29 -16.28 21.15
N LEU A 310 25.22 -15.56 20.79
CA LEU A 310 24.77 -15.54 19.41
C LEU A 310 25.88 -14.98 18.50
N LEU A 311 26.50 -13.91 18.97
CA LEU A 311 27.55 -13.24 18.22
C LEU A 311 28.72 -14.17 18.02
N GLU A 312 29.04 -14.98 19.02
CA GLU A 312 30.12 -15.96 18.86
C GLU A 312 29.91 -16.94 17.76
N MET A 313 28.71 -17.52 17.75
CA MET A 313 28.39 -18.55 16.78
C MET A 313 28.31 -17.95 15.39
N CYS A 314 27.81 -16.72 15.32
CA CYS A 314 27.71 -16.03 14.04
C CYS A 314 29.09 -15.81 13.43
N VAL A 315 29.99 -15.18 14.18
CA VAL A 315 31.33 -14.90 13.68
C VAL A 315 32.15 -16.16 13.38
N SER A 316 31.95 -17.21 14.17
CA SER A 316 32.70 -18.45 14.00
C SER A 316 32.17 -19.31 12.85
N GLY A 317 30.95 -19.00 12.40
CA GLY A 317 30.33 -19.76 11.33
C GLY A 317 29.53 -20.97 11.81
N ASP A 318 29.26 -21.02 13.11
CA ASP A 318 28.52 -22.14 13.70
C ASP A 318 27.01 -21.87 13.71
N LEU A 319 26.61 -20.74 13.13
CA LEU A 319 25.21 -20.37 13.05
C LEU A 319 24.96 -19.66 11.72
N VAL A 320 24.01 -20.16 10.95
CA VAL A 320 23.63 -19.50 9.71
C VAL A 320 22.69 -18.38 10.05
N CYS A 321 23.02 -17.18 9.58
CA CYS A 321 22.21 -16.01 9.85
C CYS A 321 21.71 -15.43 8.55
N GLU A 322 20.73 -16.11 7.96
CA GLU A 322 20.23 -15.77 6.64
C GLU A 322 19.59 -14.41 6.61
N VAL A 323 19.95 -13.63 5.60
CA VAL A 323 19.43 -12.27 5.44
C VAL A 323 18.68 -12.18 4.12
N ASP A 324 17.45 -11.66 4.18
CA ASP A 324 16.69 -11.37 2.97
C ASP A 324 16.64 -9.86 2.77
N LEU A 325 17.53 -9.33 1.94
CA LEU A 325 17.53 -7.92 1.62
C LEU A 325 16.66 -7.60 0.42
N GLY A 326 15.86 -8.58 -0.01
CA GLY A 326 14.89 -8.37 -1.07
C GLY A 326 15.46 -8.35 -2.47
N ASP A 327 16.70 -8.79 -2.62
CA ASP A 327 17.38 -8.76 -3.91
C ASP A 327 16.64 -9.57 -4.97
N LEU A 328 15.77 -10.46 -4.50
CA LEU A 328 15.01 -11.33 -5.41
C LEU A 328 13.52 -11.01 -5.36
N SER A 329 13.18 -9.88 -4.74
CA SER A 329 11.82 -9.39 -4.71
C SER A 329 11.49 -8.70 -6.03
N PRO A 330 10.21 -8.37 -6.25
CA PRO A 330 9.78 -7.76 -7.53
C PRO A 330 10.51 -6.46 -7.83
N GLU A 331 10.54 -5.53 -6.87
CA GLU A 331 11.18 -4.24 -7.11
C GLU A 331 12.64 -4.23 -6.66
N GLY A 332 13.13 -5.38 -6.21
CA GLY A 332 14.54 -5.54 -5.94
C GLY A 332 14.96 -5.17 -4.52
N ARG A 333 16.26 -5.04 -4.32
CA ARG A 333 16.85 -4.79 -3.01
C ARG A 333 16.12 -3.71 -2.23
N PHE A 334 15.81 -4.02 -0.98
CA PHE A 334 15.17 -3.05 -0.10
C PHE A 334 16.17 -1.96 0.28
N THR A 335 16.22 -0.92 -0.53
CA THR A 335 17.13 0.19 -0.27
C THR A 335 16.34 1.44 0.09
N GLY A 336 16.78 2.14 1.14
CA GLY A 336 16.13 3.36 1.58
C GLY A 336 14.93 3.15 2.48
N LEU A 337 14.57 4.15 3.26
CA LEU A 337 13.42 4.04 4.16
C LEU A 337 12.13 3.72 3.42
N GLU A 338 11.95 4.30 2.24
CA GLU A 338 10.72 4.09 1.49
C GLU A 338 10.50 2.61 1.16
N SER A 339 11.58 1.84 1.08
CA SER A 339 11.46 0.41 0.75
C SER A 339 10.93 -0.42 1.92
N ILE A 340 10.82 0.21 3.10
CA ILE A 340 10.29 -0.46 4.28
C ILE A 340 8.83 -0.85 4.08
N PHE A 341 8.09 -0.03 3.35
CA PHE A 341 6.71 -0.38 3.03
C PHE A 341 6.67 -1.65 2.19
N ARG A 342 7.54 -1.72 1.19
CA ARG A 342 7.67 -2.89 0.33
C ARG A 342 8.05 -4.12 1.14
N ALA A 343 8.96 -3.93 2.07
CA ALA A 343 9.53 -5.04 2.84
C ALA A 343 8.50 -5.64 3.80
N VAL A 344 7.74 -4.79 4.49
CA VAL A 344 6.61 -5.24 5.31
C VAL A 344 5.62 -6.05 4.47
N ASN A 345 5.20 -5.51 3.34
CA ASN A 345 4.31 -6.26 2.45
C ASN A 345 4.90 -7.63 2.10
N TYR A 346 6.21 -7.65 1.82
CA TYR A 346 6.92 -8.86 1.43
C TYR A 346 6.80 -9.92 2.53
N MET A 347 6.93 -9.49 3.79
CA MET A 347 6.81 -10.44 4.89
C MET A 347 5.41 -11.04 4.91
N TYR A 348 4.41 -10.18 4.75
CA TYR A 348 3.02 -10.60 4.88
C TYR A 348 2.47 -11.30 3.63
N MET A 349 3.24 -11.28 2.56
CA MET A 349 2.96 -12.13 1.40
C MET A 349 3.64 -13.48 1.58
N GLY A 350 4.45 -13.59 2.65
CA GLY A 350 5.13 -14.82 3.00
C GLY A 350 6.29 -15.20 2.08
N LYS A 351 6.97 -14.20 1.56
CA LYS A 351 7.95 -14.41 0.49
C LYS A 351 9.39 -14.59 0.96
N ASN A 352 9.66 -14.21 2.20
CA ASN A 352 11.04 -14.11 2.67
C ASN A 352 11.62 -15.42 3.17
N THR A 353 12.92 -15.58 2.98
CA THR A 353 13.67 -16.66 3.59
C THR A 353 14.74 -16.01 4.42
N GLY A 354 14.70 -16.24 5.74
CA GLY A 354 15.59 -15.56 6.66
C GLY A 354 15.03 -14.19 7.05
N LYS A 355 15.87 -13.40 7.71
CA LYS A 355 15.48 -12.12 8.27
C LYS A 355 15.37 -11.01 7.21
N ILE A 356 14.20 -10.36 7.15
CA ILE A 356 14.03 -9.18 6.32
C ILE A 356 14.77 -7.98 6.90
N VAL A 357 15.68 -7.45 6.09
CA VAL A 357 16.49 -6.29 6.47
C VAL A 357 16.47 -5.24 5.37
N VAL A 358 16.48 -3.97 5.76
CA VAL A 358 16.45 -2.88 4.80
C VAL A 358 17.74 -2.13 4.89
N GLU A 359 18.32 -1.77 3.75
CA GLU A 359 19.59 -1.07 3.75
C GLU A 359 19.41 0.43 3.53
N LEU A 360 20.14 1.22 4.31
CA LEU A 360 20.17 2.68 4.12
C LEU A 360 21.58 3.07 3.71
N PRO A 361 21.85 3.09 2.41
CA PRO A 361 23.20 3.28 1.87
C PRO A 361 23.84 4.58 2.33
N MET B 23 -23.00 -17.10 -11.21
CA MET B 23 -23.48 -16.09 -12.14
C MET B 23 -23.50 -14.74 -11.45
N MET B 24 -23.70 -13.68 -12.23
CA MET B 24 -23.57 -12.34 -11.70
C MET B 24 -24.33 -11.32 -12.54
N GLN B 25 -24.37 -10.09 -12.05
CA GLN B 25 -24.91 -8.98 -12.81
C GLN B 25 -23.77 -8.16 -13.42
N LYS B 26 -24.03 -7.61 -14.61
CA LYS B 26 -23.12 -6.64 -15.21
C LYS B 26 -23.89 -5.75 -16.19
N LEU B 27 -23.36 -4.56 -16.45
CA LEU B 27 -23.94 -3.68 -17.45
C LEU B 27 -23.40 -4.06 -18.82
N VAL B 28 -24.24 -3.92 -19.85
CA VAL B 28 -23.80 -4.22 -21.20
C VAL B 28 -24.36 -3.19 -22.17
N VAL B 29 -23.49 -2.67 -23.03
CA VAL B 29 -23.94 -1.83 -24.14
C VAL B 29 -24.61 -2.73 -25.19
N THR B 30 -25.91 -2.54 -25.37
CA THR B 30 -26.68 -3.36 -26.29
C THR B 30 -27.11 -2.56 -27.52
N ARG B 31 -26.97 -1.25 -27.45
CA ARG B 31 -27.31 -0.36 -28.55
C ARG B 31 -26.40 0.88 -28.50
N LEU B 32 -25.81 1.24 -29.63
CA LEU B 32 -24.87 2.36 -29.64
C LEU B 32 -25.61 3.68 -29.51
N SER B 33 -25.23 4.45 -28.49
CA SER B 33 -25.87 5.73 -28.25
C SER B 33 -25.20 6.48 -27.10
N PRO B 34 -25.23 7.82 -27.16
CA PRO B 34 -24.69 8.69 -26.10
C PRO B 34 -25.67 8.84 -24.94
N ASN B 35 -26.88 8.36 -25.14
CA ASN B 35 -27.86 8.33 -24.06
C ASN B 35 -27.67 7.03 -23.30
N PHE B 36 -27.03 7.12 -22.14
CA PHE B 36 -26.59 5.96 -21.38
C PHE B 36 -27.74 4.99 -21.08
N ARG B 37 -28.88 5.55 -20.71
CA ARG B 37 -30.04 4.74 -20.34
C ARG B 37 -30.49 3.93 -21.56
N GLU B 38 -30.46 4.57 -22.72
CA GLU B 38 -30.97 3.92 -23.92
C GLU B 38 -29.94 2.98 -24.55
N ALA B 39 -28.67 3.16 -24.18
CA ALA B 39 -27.60 2.36 -24.78
C ALA B 39 -27.28 1.08 -23.98
N VAL B 40 -27.47 1.14 -22.67
CA VAL B 40 -26.94 0.12 -21.77
C VAL B 40 -28.03 -0.67 -21.06
N THR B 41 -27.80 -1.96 -20.89
CA THR B 41 -28.74 -2.85 -20.22
C THR B 41 -28.08 -3.57 -19.06
N LEU B 42 -28.81 -3.71 -17.96
CA LEU B 42 -28.36 -4.52 -16.84
C LEU B 42 -28.71 -5.99 -17.11
N SER B 43 -27.68 -6.81 -17.30
CA SER B 43 -27.86 -8.24 -17.54
C SER B 43 -27.70 -9.02 -16.24
N ARG B 44 -28.69 -9.85 -15.94
CA ARG B 44 -28.87 -10.40 -14.59
C ARG B 44 -28.43 -11.86 -14.35
N ASP B 45 -28.18 -12.63 -15.42
CA ASP B 45 -27.78 -14.04 -15.23
C ASP B 45 -26.52 -14.40 -15.99
N CYS B 46 -25.50 -13.55 -15.87
CA CYS B 46 -24.28 -13.74 -16.64
C CYS B 46 -23.33 -14.65 -15.88
N PRO B 47 -22.64 -15.53 -16.60
CA PRO B 47 -21.64 -16.41 -15.98
C PRO B 47 -20.47 -15.57 -15.47
N VAL B 48 -19.98 -15.91 -14.28
CA VAL B 48 -18.79 -15.26 -13.76
C VAL B 48 -17.58 -15.72 -14.56
N PRO B 49 -16.84 -14.77 -15.14
CA PRO B 49 -15.69 -15.10 -15.98
C PRO B 49 -14.56 -15.67 -15.16
N LEU B 50 -13.77 -16.56 -15.76
CA LEU B 50 -12.63 -17.15 -15.07
C LEU B 50 -11.33 -16.49 -15.52
N PRO B 51 -10.44 -16.20 -14.56
CA PRO B 51 -9.15 -15.57 -14.91
C PRO B 51 -8.22 -16.53 -15.63
N GLY B 52 -7.44 -16.00 -16.56
CA GLY B 52 -6.43 -16.80 -17.25
C GLY B 52 -5.16 -16.88 -16.43
N ASP B 53 -4.15 -17.55 -16.99
CA ASP B 53 -2.89 -17.75 -16.29
C ASP B 53 -2.30 -16.44 -15.77
N GLY B 54 -2.43 -15.39 -16.56
CA GLY B 54 -1.86 -14.10 -16.18
C GLY B 54 -2.89 -13.07 -15.76
N ASP B 55 -4.07 -13.55 -15.38
CA ASP B 55 -5.18 -12.68 -15.00
C ASP B 55 -5.53 -12.75 -13.53
N LEU B 56 -6.10 -11.65 -13.03
CA LEU B 56 -6.76 -11.62 -11.73
C LEU B 56 -8.27 -11.61 -11.95
N LEU B 57 -9.01 -12.24 -11.06
CA LEU B 57 -10.47 -12.08 -11.03
C LEU B 57 -10.79 -11.17 -9.87
N VAL B 58 -11.31 -9.99 -10.18
CA VAL B 58 -11.52 -8.97 -9.15
C VAL B 58 -13.00 -8.84 -8.82
N ARG B 59 -13.34 -8.99 -7.55
CA ARG B 59 -14.67 -8.66 -7.08
C ARG B 59 -14.72 -7.15 -6.82
N ASN B 60 -15.40 -6.43 -7.72
CA ASN B 60 -15.49 -4.98 -7.60
C ASN B 60 -16.30 -4.52 -6.39
N ARG B 61 -15.72 -3.62 -5.61
CA ARG B 61 -16.45 -3.02 -4.49
C ARG B 61 -16.83 -1.58 -4.79
N PHE B 62 -15.96 -0.85 -5.48
CA PHE B 62 -16.34 0.46 -6.00
C PHE B 62 -15.93 0.54 -7.46
N VAL B 63 -16.74 1.24 -8.26
CA VAL B 63 -16.43 1.49 -9.65
C VAL B 63 -16.59 2.97 -9.94
N GLY B 64 -15.86 3.44 -10.95
CA GLY B 64 -15.83 4.86 -11.23
C GLY B 64 -16.75 5.20 -12.38
N VAL B 65 -17.47 6.30 -12.21
CA VAL B 65 -18.29 6.85 -13.28
C VAL B 65 -17.50 7.98 -13.95
N ASN B 66 -17.38 7.89 -15.27
CA ASN B 66 -16.58 8.84 -16.04
C ASN B 66 -17.42 9.56 -17.12
N ALA B 67 -17.11 10.81 -17.40
CA ALA B 67 -17.86 11.53 -18.41
C ALA B 67 -17.87 10.74 -19.71
N SER B 68 -16.73 10.16 -20.06
CA SER B 68 -16.61 9.47 -21.34
C SER B 68 -17.30 8.10 -21.40
N ASP B 69 -17.93 7.68 -20.30
CA ASP B 69 -18.74 6.47 -20.33
C ASP B 69 -19.77 6.52 -21.45
N ILE B 70 -20.29 7.72 -21.73
CA ILE B 70 -21.31 7.84 -22.79
C ILE B 70 -20.69 7.97 -24.17
N ASN B 71 -19.43 8.38 -24.23
CA ASN B 71 -18.73 8.34 -25.50
C ASN B 71 -18.50 6.88 -25.84
N TYR B 72 -18.24 6.08 -24.80
CA TYR B 72 -18.00 4.65 -24.97
C TYR B 72 -19.26 3.93 -25.42
N SER B 73 -20.39 4.22 -24.77
CA SER B 73 -21.64 3.58 -25.13
C SER B 73 -22.11 4.04 -26.51
N ALA B 74 -21.63 5.20 -26.94
CA ALA B 74 -21.94 5.71 -28.28
C ALA B 74 -21.13 4.99 -29.36
N GLY B 75 -20.11 4.24 -28.93
CA GLY B 75 -19.27 3.51 -29.85
C GLY B 75 -18.14 4.34 -30.44
N ARG B 76 -17.85 5.46 -29.83
CA ARG B 76 -16.90 6.41 -30.42
C ARG B 76 -15.42 6.00 -30.31
N TYR B 77 -15.10 5.11 -29.37
CA TYR B 77 -13.73 4.63 -29.22
C TYR B 77 -13.32 3.77 -30.41
N ASP B 78 -14.25 2.96 -30.91
CA ASP B 78 -13.99 2.14 -32.10
C ASP B 78 -15.30 1.82 -32.80
N PRO B 79 -15.69 2.67 -33.76
CA PRO B 79 -16.97 2.58 -34.47
C PRO B 79 -17.17 1.28 -35.24
N SER B 80 -16.12 0.47 -35.37
CA SER B 80 -16.22 -0.80 -36.10
C SER B 80 -16.71 -1.91 -35.19
N VAL B 81 -16.92 -1.59 -33.91
CA VAL B 81 -17.30 -2.59 -32.92
C VAL B 81 -18.78 -2.50 -32.56
N LYS B 82 -19.55 -3.49 -32.99
CA LYS B 82 -20.98 -3.55 -32.69
C LYS B 82 -21.25 -4.12 -31.30
N PRO B 83 -22.37 -3.72 -30.69
CA PRO B 83 -22.82 -4.30 -29.42
C PRO B 83 -23.04 -5.81 -29.59
N PRO B 84 -23.07 -6.56 -28.49
CA PRO B 84 -22.94 -6.03 -27.14
C PRO B 84 -21.48 -5.99 -26.71
N PHE B 85 -21.13 -5.07 -25.82
CA PHE B 85 -19.82 -5.09 -25.20
C PHE B 85 -19.86 -4.57 -23.78
N ASP B 86 -18.84 -4.91 -23.00
CA ASP B 86 -18.79 -4.52 -21.59
C ASP B 86 -18.47 -3.04 -21.47
N ILE B 87 -18.70 -2.48 -20.28
CA ILE B 87 -18.52 -1.04 -20.09
C ILE B 87 -18.03 -0.76 -18.68
N GLY B 88 -17.48 0.44 -18.48
CA GLY B 88 -16.85 0.79 -17.21
C GLY B 88 -15.33 0.76 -17.28
N PHE B 89 -14.70 1.88 -16.95
CA PHE B 89 -13.26 2.03 -17.18
C PHE B 89 -12.36 1.65 -15.98
N GLU B 90 -12.93 1.61 -14.78
CA GLU B 90 -12.10 1.50 -13.56
C GLU B 90 -12.83 0.89 -12.38
N GLY B 91 -12.10 0.13 -11.56
CA GLY B 91 -12.68 -0.50 -10.39
C GLY B 91 -11.65 -0.74 -9.30
N ILE B 92 -12.13 -1.04 -8.11
CA ILE B 92 -11.27 -1.43 -7.00
C ILE B 92 -12.01 -2.48 -6.18
N GLY B 93 -11.28 -3.49 -5.70
CA GLY B 93 -11.89 -4.57 -4.96
C GLY B 93 -10.89 -5.62 -4.54
N GLU B 94 -11.38 -6.81 -4.26
CA GLU B 94 -10.54 -7.91 -3.80
C GLU B 94 -10.28 -8.93 -4.91
N VAL B 95 -9.06 -9.43 -4.96
CA VAL B 95 -8.74 -10.56 -5.80
C VAL B 95 -9.41 -11.81 -5.20
N VAL B 96 -10.30 -12.44 -5.95
CA VAL B 96 -11.01 -13.60 -5.43
C VAL B 96 -10.49 -14.87 -6.09
N ALA B 97 -9.83 -14.70 -7.22
CA ALA B 97 -9.20 -15.82 -7.91
C ALA B 97 -8.19 -15.26 -8.88
N LEU B 98 -7.18 -16.06 -9.19
CA LEU B 98 -6.17 -15.63 -10.15
C LEU B 98 -5.49 -16.83 -10.76
N GLY B 99 -4.91 -16.63 -11.94
CA GLY B 99 -4.13 -17.67 -12.60
C GLY B 99 -2.84 -17.94 -11.87
N LEU B 100 -2.22 -19.08 -12.19
CA LEU B 100 -0.98 -19.50 -11.53
C LEU B 100 0.14 -18.49 -11.66
N SER B 101 0.35 -17.97 -12.87
CA SER B 101 1.41 -17.00 -13.09
C SER B 101 1.19 -15.70 -12.33
N ALA B 102 -0.07 -15.25 -12.27
CA ALA B 102 -0.39 -14.03 -11.54
C ALA B 102 -0.14 -14.20 -10.05
N SER B 103 -0.24 -15.44 -9.58
CA SER B 103 -0.10 -15.73 -8.15
C SER B 103 1.30 -15.45 -7.61
N ALA B 104 2.26 -15.23 -8.51
CA ALA B 104 3.61 -14.89 -8.08
C ALA B 104 3.67 -13.49 -7.45
N ARG B 105 2.71 -12.65 -7.83
CA ARG B 105 2.69 -11.26 -7.38
C ARG B 105 1.49 -10.94 -6.50
N TYR B 106 0.36 -11.54 -6.82
CA TYR B 106 -0.87 -11.24 -6.12
C TYR B 106 -1.39 -12.46 -5.38
N THR B 107 -2.24 -12.22 -4.39
CA THR B 107 -2.81 -13.30 -3.60
C THR B 107 -4.30 -13.09 -3.43
N VAL B 108 -5.03 -14.19 -3.22
CA VAL B 108 -6.45 -14.09 -2.97
C VAL B 108 -6.70 -13.25 -1.73
N GLY B 109 -7.68 -12.36 -1.82
CA GLY B 109 -8.03 -11.49 -0.71
C GLY B 109 -7.38 -10.13 -0.79
N GLN B 110 -6.41 -10.00 -1.70
CA GLN B 110 -5.63 -8.76 -1.79
C GLN B 110 -6.40 -7.62 -2.44
N ALA B 111 -6.19 -6.40 -1.92
CA ALA B 111 -6.83 -5.22 -2.48
C ALA B 111 -6.11 -4.73 -3.73
N VAL B 112 -6.85 -4.60 -4.82
CA VAL B 112 -6.28 -4.08 -6.05
C VAL B 112 -7.24 -3.10 -6.74
N ALA B 113 -6.65 -2.16 -7.47
CA ALA B 113 -7.41 -1.19 -8.27
C ALA B 113 -6.91 -1.34 -9.70
N TYR B 114 -7.72 -0.93 -10.67
CA TYR B 114 -7.31 -1.08 -12.07
C TYR B 114 -8.02 -0.11 -13.00
N MET B 115 -7.36 0.16 -14.12
CA MET B 115 -8.00 0.85 -15.24
C MET B 115 -8.02 -0.11 -16.43
N ALA B 116 -9.21 -0.63 -16.71
CA ALA B 116 -9.40 -1.59 -17.78
C ALA B 116 -10.89 -1.68 -18.07
N PRO B 117 -11.26 -2.07 -19.30
CA PRO B 117 -12.67 -2.09 -19.71
C PRO B 117 -13.46 -3.18 -19.02
N GLY B 118 -14.74 -2.90 -18.74
CA GLY B 118 -15.64 -3.89 -18.18
C GLY B 118 -15.75 -3.87 -16.66
N SER B 119 -15.49 -2.71 -16.06
CA SER B 119 -15.54 -2.59 -14.60
C SER B 119 -16.98 -2.56 -14.07
N PHE B 120 -17.94 -2.26 -14.93
CA PHE B 120 -19.34 -2.25 -14.53
C PHE B 120 -19.91 -3.67 -14.49
N ALA B 121 -19.48 -4.41 -13.47
CA ALA B 121 -19.86 -5.81 -13.30
C ALA B 121 -19.52 -6.20 -11.86
N GLU B 122 -20.13 -7.27 -11.36
CA GLU B 122 -19.81 -7.70 -10.01
C GLU B 122 -18.40 -8.26 -9.94
N TYR B 123 -17.97 -8.89 -11.04
CA TYR B 123 -16.63 -9.46 -11.14
C TYR B 123 -16.04 -9.09 -12.49
N THR B 124 -14.76 -8.71 -12.49
CA THR B 124 -14.06 -8.36 -13.72
C THR B 124 -12.71 -9.07 -13.80
N VAL B 125 -12.43 -9.66 -14.96
CA VAL B 125 -11.11 -10.23 -15.20
C VAL B 125 -10.12 -9.14 -15.62
N VAL B 126 -9.00 -9.08 -14.91
CA VAL B 126 -8.00 -8.03 -15.12
C VAL B 126 -6.59 -8.63 -15.20
N PRO B 127 -5.88 -8.34 -16.31
CA PRO B 127 -4.49 -8.77 -16.45
C PRO B 127 -3.66 -8.29 -15.27
N ALA B 128 -2.97 -9.21 -14.61
CA ALA B 128 -2.19 -8.88 -13.43
C ALA B 128 -1.19 -7.76 -13.70
N SER B 129 -0.71 -7.68 -14.94
CA SER B 129 0.34 -6.73 -15.29
C SER B 129 -0.10 -5.27 -15.30
N ILE B 130 -1.41 -5.02 -15.29
CA ILE B 130 -1.91 -3.64 -15.28
C ILE B 130 -2.58 -3.25 -13.98
N ALA B 131 -2.81 -4.24 -13.11
CA ALA B 131 -3.39 -3.97 -11.81
C ALA B 131 -2.49 -3.07 -10.98
N THR B 132 -3.09 -2.34 -10.04
CA THR B 132 -2.35 -1.52 -9.10
C THR B 132 -2.65 -2.01 -7.70
N PRO B 133 -1.65 -2.61 -7.03
CA PRO B 133 -1.85 -2.95 -5.63
C PRO B 133 -2.16 -1.70 -4.83
N VAL B 134 -3.15 -1.78 -3.94
CA VAL B 134 -3.49 -0.64 -3.10
C VAL B 134 -3.53 -1.06 -1.64
N PRO B 135 -3.37 -0.10 -0.70
CA PRO B 135 -3.31 -0.42 0.72
C PRO B 135 -4.54 -1.16 1.22
N SER B 136 -5.72 -0.75 0.74
CA SER B 136 -6.98 -1.38 1.10
C SER B 136 -8.05 -0.94 0.12
N VAL B 137 -9.26 -1.48 0.27
CA VAL B 137 -10.33 -1.09 -0.64
C VAL B 137 -11.04 0.15 -0.13
N LYS B 138 -10.59 1.30 -0.61
CA LYS B 138 -11.16 2.58 -0.24
C LYS B 138 -11.49 3.35 -1.52
N PRO B 139 -12.62 4.05 -1.54
CA PRO B 139 -12.98 4.78 -2.76
C PRO B 139 -11.97 5.89 -3.14
N GLU B 140 -11.29 6.46 -2.15
CA GLU B 140 -10.31 7.51 -2.40
C GLU B 140 -9.22 7.05 -3.35
N TYR B 141 -8.81 5.79 -3.21
CA TYR B 141 -7.78 5.24 -4.08
C TYR B 141 -8.29 5.14 -5.52
N LEU B 142 -9.58 4.84 -5.65
CA LEU B 142 -10.18 4.76 -6.98
C LEU B 142 -10.16 6.13 -7.69
N THR B 143 -10.29 7.21 -6.93
CA THR B 143 -10.28 8.52 -7.56
C THR B 143 -8.98 8.76 -8.33
N LEU B 144 -7.92 8.05 -7.95
CA LEU B 144 -6.61 8.31 -8.52
C LEU B 144 -6.42 7.69 -9.88
N LEU B 145 -7.15 6.60 -10.14
CA LEU B 145 -6.89 5.73 -11.29
C LEU B 145 -6.97 6.40 -12.65
N VAL B 146 -8.01 7.20 -12.86
CA VAL B 146 -8.24 7.85 -14.14
C VAL B 146 -8.20 9.36 -13.96
N SER B 147 -8.97 9.85 -12.98
CA SER B 147 -9.05 11.27 -12.69
C SER B 147 -7.74 11.87 -12.17
N GLY B 148 -7.10 11.19 -11.23
CA GLY B 148 -5.80 11.65 -10.72
C GLY B 148 -4.69 11.57 -11.75
N THR B 149 -4.54 10.42 -12.39
CA THR B 149 -3.45 10.22 -13.33
C THR B 149 -3.57 11.14 -14.55
N THR B 150 -4.80 11.39 -14.98
CA THR B 150 -5.01 12.29 -16.12
C THR B 150 -4.46 13.68 -15.82
N ALA B 151 -4.80 14.22 -14.65
CA ALA B 151 -4.32 15.54 -14.27
C ALA B 151 -2.81 15.55 -14.03
N TYR B 152 -2.32 14.52 -13.35
CA TYR B 152 -0.90 14.40 -13.02
C TYR B 152 -0.04 14.37 -14.27
N ILE B 153 -0.35 13.45 -15.17
CA ILE B 153 0.44 13.25 -16.37
C ILE B 153 0.32 14.41 -17.36
N SER B 154 -0.90 14.83 -17.64
CA SER B 154 -1.07 15.94 -18.58
C SER B 154 -0.32 17.19 -18.12
N LEU B 155 -0.51 17.60 -16.87
CA LEU B 155 0.10 18.84 -16.40
C LEU B 155 1.62 18.74 -16.36
N LYS B 156 2.14 17.58 -15.95
CA LYS B 156 3.59 17.39 -15.90
C LYS B 156 4.23 17.32 -17.28
N GLU B 157 3.59 16.62 -18.21
CA GLU B 157 4.17 16.43 -19.54
C GLU B 157 3.94 17.63 -20.45
N LEU B 158 2.81 18.32 -20.28
CA LEU B 158 2.41 19.34 -21.26
C LEU B 158 2.21 20.72 -20.65
N GLY B 159 2.17 20.79 -19.32
CA GLY B 159 1.76 22.00 -18.63
C GLY B 159 2.84 23.08 -18.54
N GLY B 160 4.10 22.67 -18.54
CA GLY B 160 5.19 23.61 -18.35
C GLY B 160 5.03 24.43 -17.08
N LEU B 161 4.55 23.79 -16.02
CA LEU B 161 4.27 24.48 -14.77
C LEU B 161 5.53 24.93 -14.03
N SER B 162 5.44 26.07 -13.36
CA SER B 162 6.53 26.58 -12.53
C SER B 162 5.97 27.72 -11.68
N GLU B 163 6.71 28.14 -10.66
CA GLU B 163 6.17 29.10 -9.71
C GLU B 163 5.67 30.37 -10.38
N GLY B 164 4.44 30.79 -10.07
CA GLY B 164 3.89 32.04 -10.55
C GLY B 164 3.05 31.95 -11.81
N LYS B 165 3.14 30.82 -12.51
CA LYS B 165 2.29 30.57 -13.67
C LYS B 165 0.85 30.65 -13.24
N LYS B 166 0.01 31.24 -14.07
CA LYS B 166 -1.43 31.28 -13.82
C LYS B 166 -2.11 30.16 -14.59
N VAL B 167 -2.89 29.36 -13.87
CA VAL B 167 -3.53 28.18 -14.44
C VAL B 167 -5.03 28.26 -14.26
N LEU B 168 -5.77 28.04 -15.35
CA LEU B 168 -7.22 28.02 -15.31
C LEU B 168 -7.71 26.59 -15.44
N VAL B 169 -8.49 26.15 -14.45
CA VAL B 169 -9.06 24.80 -14.48
C VAL B 169 -10.59 24.87 -14.59
N THR B 170 -11.15 24.23 -15.62
CA THR B 170 -12.59 24.17 -15.76
C THR B 170 -13.11 22.83 -15.20
N ALA B 171 -14.40 22.77 -14.89
CA ALA B 171 -14.96 21.68 -14.09
C ALA B 171 -14.07 21.41 -12.88
N ALA B 172 -13.62 22.48 -12.22
CA ALA B 172 -12.56 22.41 -11.22
C ALA B 172 -12.96 21.65 -9.95
N ALA B 173 -14.25 21.59 -9.68
CA ALA B 173 -14.77 20.86 -8.52
C ALA B 173 -15.16 19.44 -8.86
N GLY B 174 -14.73 18.96 -10.02
CA GLY B 174 -15.09 17.64 -10.49
C GLY B 174 -14.03 16.57 -10.23
N GLY B 175 -14.27 15.39 -10.77
CA GLY B 175 -13.40 14.24 -10.57
C GLY B 175 -11.93 14.49 -10.84
N THR B 176 -11.62 14.88 -12.08
CA THR B 176 -10.23 15.17 -12.41
C THR B 176 -9.85 16.62 -12.10
N GLY B 177 -10.82 17.53 -12.18
CA GLY B 177 -10.57 18.93 -11.89
C GLY B 177 -10.00 19.20 -10.50
N GLN B 178 -10.45 18.44 -9.51
CA GLN B 178 -9.94 18.62 -8.14
C GLN B 178 -8.44 18.38 -8.07
N PHE B 179 -7.94 17.49 -8.93
CA PHE B 179 -6.52 17.15 -8.92
C PHE B 179 -5.67 18.14 -9.73
N ALA B 180 -6.21 18.60 -10.85
CA ALA B 180 -5.50 19.60 -11.66
C ALA B 180 -5.28 20.84 -10.80
N MET B 181 -6.29 21.13 -10.02
CA MET B 181 -6.31 22.23 -9.10
C MET B 181 -5.18 22.10 -8.06
N GLN B 182 -5.23 21.03 -7.28
CA GLN B 182 -4.26 20.80 -6.20
C GLN B 182 -2.83 20.66 -6.65
N LEU B 183 -2.62 19.93 -7.75
CA LEU B 183 -1.28 19.74 -8.27
C LEU B 183 -0.70 21.04 -8.77
N SER B 184 -1.54 21.87 -9.41
CA SER B 184 -1.07 23.17 -9.86
C SER B 184 -0.66 24.01 -8.65
N LYS B 185 -1.44 23.94 -7.57
CA LYS B 185 -1.08 24.65 -6.34
C LYS B 185 0.24 24.18 -5.75
N LYS B 186 0.48 22.88 -5.80
CA LYS B 186 1.72 22.31 -5.29
C LYS B 186 2.91 22.76 -6.14
N ALA B 187 2.65 23.03 -7.42
CA ALA B 187 3.65 23.59 -8.32
C ALA B 187 3.81 25.09 -8.13
N LYS B 188 3.16 25.63 -7.11
CA LYS B 188 3.25 27.04 -6.77
C LYS B 188 2.63 27.97 -7.83
N CYS B 189 1.64 27.45 -8.54
CA CYS B 189 0.95 28.28 -9.53
C CYS B 189 -0.19 29.05 -8.86
N HIS B 190 -0.58 30.16 -9.48
CA HIS B 190 -1.80 30.87 -9.10
C HIS B 190 -2.95 30.22 -9.87
N VAL B 191 -3.94 29.70 -9.17
CA VAL B 191 -4.97 28.90 -9.83
C VAL B 191 -6.36 29.49 -9.77
N ILE B 192 -7.01 29.54 -10.93
CA ILE B 192 -8.42 29.94 -11.05
C ILE B 192 -9.24 28.68 -11.39
N GLY B 193 -10.43 28.56 -10.80
CA GLY B 193 -11.26 27.38 -11.07
C GLY B 193 -12.72 27.69 -11.30
N THR B 194 -13.31 27.10 -12.33
CA THR B 194 -14.72 27.36 -12.62
C THR B 194 -15.59 26.24 -12.07
N CYS B 195 -16.79 26.60 -11.63
CA CYS B 195 -17.75 25.61 -11.15
C CYS B 195 -19.14 26.23 -11.15
N SER B 196 -20.16 25.47 -10.79
CA SER B 196 -21.53 25.91 -10.98
C SER B 196 -22.34 26.22 -9.71
N SER B 197 -21.69 26.26 -8.55
CA SER B 197 -22.41 26.53 -7.31
C SER B 197 -21.52 27.15 -6.25
N ASP B 198 -22.13 27.90 -5.32
CA ASP B 198 -21.38 28.50 -4.24
C ASP B 198 -20.74 27.43 -3.34
N GLU B 199 -21.41 26.29 -3.23
CA GLU B 199 -20.90 25.19 -2.42
C GLU B 199 -19.67 24.60 -3.09
N LYS B 200 -19.73 24.46 -4.41
CA LYS B 200 -18.56 24.03 -5.17
C LYS B 200 -17.41 25.05 -5.03
N SER B 201 -17.74 26.34 -5.05
CA SER B 201 -16.71 27.36 -4.90
C SER B 201 -16.02 27.25 -3.55
N ALA B 202 -16.81 27.00 -2.51
CA ALA B 202 -16.26 26.80 -1.17
C ALA B 202 -15.31 25.60 -1.15
N PHE B 203 -15.67 24.53 -1.84
CA PHE B 203 -14.81 23.35 -1.97
C PHE B 203 -13.49 23.75 -2.63
N LEU B 204 -13.59 24.52 -3.71
CA LEU B 204 -12.41 25.00 -4.39
C LEU B 204 -11.53 25.82 -3.45
N LYS B 205 -12.15 26.72 -2.71
CA LYS B 205 -11.40 27.52 -1.73
C LYS B 205 -10.65 26.62 -0.74
N SER B 206 -11.30 25.52 -0.34
CA SER B 206 -10.70 24.59 0.61
C SER B 206 -9.52 23.83 0.04
N LEU B 207 -9.45 23.76 -1.30
CA LEU B 207 -8.33 23.12 -1.97
C LEU B 207 -7.22 24.11 -2.25
N GLY B 208 -7.44 25.36 -1.85
CA GLY B 208 -6.45 26.39 -2.04
C GLY B 208 -6.59 27.16 -3.35
N CYS B 209 -7.76 27.03 -3.98
CA CYS B 209 -8.04 27.85 -5.16
C CYS B 209 -7.82 29.32 -4.88
N ASP B 210 -7.06 29.98 -5.73
CA ASP B 210 -6.86 31.42 -5.59
C ASP B 210 -8.10 32.20 -6.00
N ARG B 211 -8.75 31.77 -7.07
CA ARG B 211 -9.93 32.48 -7.56
C ARG B 211 -11.01 31.50 -8.00
N PRO B 212 -11.84 31.03 -7.05
CA PRO B 212 -13.01 30.25 -7.46
C PRO B 212 -13.97 31.15 -8.22
N ILE B 213 -14.59 30.61 -9.26
CA ILE B 213 -15.60 31.33 -10.02
C ILE B 213 -16.83 30.45 -10.19
N ASN B 214 -17.95 30.91 -9.65
CA ASN B 214 -19.23 30.27 -9.93
C ASN B 214 -19.73 30.87 -11.22
N TYR B 215 -19.59 30.14 -12.33
CA TYR B 215 -19.88 30.69 -13.65
C TYR B 215 -21.37 30.96 -13.88
N LYS B 216 -22.21 30.42 -13.01
CA LYS B 216 -23.65 30.65 -13.08
C LYS B 216 -24.03 32.01 -12.49
N THR B 217 -23.19 32.53 -11.61
CA THR B 217 -23.50 33.80 -10.95
C THR B 217 -22.52 34.92 -11.28
N GLU B 218 -21.44 34.57 -11.97
CA GLU B 218 -20.40 35.53 -12.29
C GLU B 218 -19.82 35.22 -13.66
N PRO B 219 -19.83 36.22 -14.56
CA PRO B 219 -19.36 36.07 -15.95
C PRO B 219 -17.86 35.78 -16.01
N VAL B 220 -17.51 34.57 -16.42
CA VAL B 220 -16.11 34.16 -16.44
C VAL B 220 -15.25 35.03 -17.35
N GLY B 221 -15.79 35.40 -18.51
CA GLY B 221 -15.04 36.18 -19.46
C GLY B 221 -14.62 37.52 -18.89
N THR B 222 -15.55 38.11 -18.14
CA THR B 222 -15.31 39.41 -17.52
C THR B 222 -14.31 39.31 -16.37
N VAL B 223 -14.45 38.27 -15.55
CA VAL B 223 -13.48 38.03 -14.48
C VAL B 223 -12.07 37.90 -15.06
N LEU B 224 -11.94 37.14 -16.14
CA LEU B 224 -10.62 36.94 -16.72
C LEU B 224 -10.05 38.22 -17.31
N LYS B 225 -10.87 38.96 -18.06
CA LYS B 225 -10.42 40.20 -18.69
C LYS B 225 -10.00 41.24 -17.68
N GLN B 226 -10.74 41.34 -16.58
CA GLN B 226 -10.48 42.37 -15.59
C GLN B 226 -9.39 41.99 -14.58
N GLU B 227 -9.43 40.76 -14.09
CA GLU B 227 -8.50 40.35 -13.03
C GLU B 227 -7.23 39.72 -13.57
N TYR B 228 -7.26 39.29 -14.83
CA TYR B 228 -6.10 38.69 -15.47
C TYR B 228 -5.89 39.27 -16.86
N PRO B 229 -5.69 40.61 -16.92
CA PRO B 229 -5.59 41.35 -18.18
C PRO B 229 -4.48 40.82 -19.09
N GLU B 230 -3.38 40.35 -18.52
CA GLU B 230 -2.29 39.80 -19.32
C GLU B 230 -2.49 38.34 -19.67
N GLY B 231 -3.57 37.74 -19.17
CA GLY B 231 -3.95 36.40 -19.56
C GLY B 231 -3.52 35.30 -18.61
N VAL B 232 -3.91 34.06 -18.92
CA VAL B 232 -3.49 32.90 -18.14
C VAL B 232 -2.49 32.07 -18.92
N ASP B 233 -1.58 31.40 -18.23
CA ASP B 233 -0.51 30.68 -18.91
C ASP B 233 -0.88 29.28 -19.31
N VAL B 234 -1.81 28.67 -18.58
CA VAL B 234 -2.16 27.28 -18.82
C VAL B 234 -3.65 27.11 -18.59
N VAL B 235 -4.33 26.39 -19.49
CA VAL B 235 -5.73 26.04 -19.23
C VAL B 235 -5.92 24.52 -19.22
N TYR B 236 -6.53 24.01 -18.16
CA TYR B 236 -6.90 22.62 -18.08
C TYR B 236 -8.38 22.59 -18.45
N GLU B 237 -8.66 22.43 -19.74
CA GLU B 237 -10.00 22.64 -20.28
C GLU B 237 -10.74 21.32 -20.50
N SER B 238 -11.83 21.12 -19.76
CA SER B 238 -12.59 19.88 -19.79
C SER B 238 -14.00 20.02 -20.34
N VAL B 239 -14.43 21.25 -20.60
CA VAL B 239 -15.83 21.58 -20.84
C VAL B 239 -16.20 21.84 -22.31
N GLY B 240 -15.33 22.52 -23.04
CA GLY B 240 -15.57 22.78 -24.44
C GLY B 240 -16.54 23.94 -24.64
N GLY B 241 -17.08 24.06 -25.84
CA GLY B 241 -18.06 25.08 -26.12
C GLY B 241 -17.65 26.50 -25.77
N ALA B 242 -18.58 27.23 -25.18
CA ALA B 242 -18.35 28.62 -24.83
C ALA B 242 -17.18 28.79 -23.87
N MET B 243 -17.00 27.82 -22.97
CA MET B 243 -15.92 27.85 -22.00
C MET B 243 -14.56 27.76 -22.72
N PHE B 244 -14.48 26.88 -23.71
CA PHE B 244 -13.29 26.75 -24.55
C PHE B 244 -12.98 28.08 -25.24
N ASP B 245 -14.02 28.72 -25.76
CA ASP B 245 -13.86 29.99 -26.48
C ASP B 245 -13.28 31.06 -25.57
N LEU B 246 -13.85 31.16 -24.37
CA LEU B 246 -13.38 32.12 -23.36
C LEU B 246 -11.93 31.86 -22.97
N ALA B 247 -11.60 30.59 -22.77
CA ALA B 247 -10.25 30.23 -22.38
C ALA B 247 -9.23 30.62 -23.46
N VAL B 248 -9.56 30.39 -24.72
CA VAL B 248 -8.67 30.75 -25.81
C VAL B 248 -8.38 32.24 -25.76
N ASP B 249 -9.44 33.04 -25.63
CA ASP B 249 -9.31 34.49 -25.54
C ASP B 249 -8.48 34.93 -24.34
N ALA B 250 -8.51 34.15 -23.26
CA ALA B 250 -7.79 34.50 -22.04
C ALA B 250 -6.33 34.05 -21.99
N LEU B 251 -5.87 33.33 -23.02
CA LEU B 251 -4.47 32.87 -23.04
C LEU B 251 -3.46 34.02 -23.06
N ALA B 252 -2.43 33.90 -22.25
CA ALA B 252 -1.31 34.83 -22.29
C ALA B 252 -0.44 34.54 -23.51
N THR B 253 0.51 35.43 -23.77
CA THR B 253 1.50 35.15 -24.78
C THR B 253 2.20 33.84 -24.43
N LYS B 254 2.33 32.98 -25.43
CA LYS B 254 2.90 31.64 -25.25
C LYS B 254 2.07 30.73 -24.35
N GLY B 255 0.82 31.11 -24.09
CA GLY B 255 -0.07 30.30 -23.27
C GLY B 255 -0.40 28.93 -23.86
N ARG B 256 -0.73 27.98 -23.00
CA ARG B 256 -1.07 26.64 -23.44
C ARG B 256 -2.45 26.23 -22.95
N LEU B 257 -3.33 25.93 -23.90
CA LEU B 257 -4.63 25.38 -23.57
C LEU B 257 -4.58 23.88 -23.78
N ILE B 258 -4.83 23.12 -22.73
CA ILE B 258 -4.81 21.68 -22.85
C ILE B 258 -6.25 21.19 -23.01
N VAL B 259 -6.52 20.51 -24.11
CA VAL B 259 -7.83 19.92 -24.32
C VAL B 259 -7.90 18.57 -23.63
N ILE B 260 -8.46 18.58 -22.43
CA ILE B 260 -8.64 17.35 -21.66
C ILE B 260 -9.96 16.69 -22.01
N GLY B 261 -10.93 17.53 -22.39
CA GLY B 261 -12.26 17.05 -22.70
C GLY B 261 -13.15 18.18 -23.18
N PHE B 262 -14.40 17.85 -23.48
CA PHE B 262 -15.42 18.84 -23.80
C PHE B 262 -16.78 18.26 -23.51
N ILE B 263 -17.06 18.10 -22.21
CA ILE B 263 -18.23 17.37 -21.74
C ILE B 263 -19.57 18.01 -22.15
N SER B 264 -19.54 19.31 -22.43
CA SER B 264 -20.76 20.00 -22.87
C SER B 264 -21.28 19.45 -24.19
N GLY B 265 -20.46 18.70 -24.90
CA GLY B 265 -20.85 18.16 -26.19
C GLY B 265 -21.18 16.68 -26.23
N TYR B 266 -20.81 15.94 -25.19
CA TYR B 266 -20.83 14.49 -25.26
C TYR B 266 -22.23 13.90 -25.53
N GLN B 267 -23.27 14.54 -25.03
CA GLN B 267 -24.62 14.00 -25.16
C GLN B 267 -25.23 14.18 -26.56
N THR B 268 -24.61 15.03 -27.37
CA THR B 268 -25.13 15.32 -28.72
C THR B 268 -24.87 14.12 -29.62
N PRO B 269 -25.55 14.06 -30.78
CA PRO B 269 -25.36 12.95 -31.71
C PRO B 269 -23.93 12.75 -32.20
N THR B 270 -23.16 13.83 -32.36
CA THR B 270 -21.76 13.71 -32.77
C THR B 270 -20.80 13.72 -31.58
N GLY B 271 -21.31 14.16 -30.43
CA GLY B 271 -20.51 14.25 -29.22
C GLY B 271 -19.68 15.51 -29.16
N LEU B 272 -19.80 16.34 -30.20
CA LEU B 272 -19.02 17.56 -30.28
C LEU B 272 -19.74 18.76 -29.71
N SER B 273 -18.94 19.75 -29.32
CA SER B 273 -19.44 20.99 -28.76
C SER B 273 -19.00 22.13 -29.68
N PRO B 274 -19.91 23.05 -30.01
CA PRO B 274 -19.54 24.13 -30.93
C PRO B 274 -18.49 25.09 -30.35
N VAL B 275 -17.41 25.30 -31.09
CA VAL B 275 -16.40 26.25 -30.69
C VAL B 275 -16.10 27.21 -31.81
N LYS B 276 -15.60 28.39 -31.47
CA LYS B 276 -15.23 29.36 -32.49
C LYS B 276 -13.84 29.00 -32.97
N ALA B 277 -13.79 28.19 -34.02
CA ALA B 277 -12.55 27.57 -34.46
C ALA B 277 -12.00 28.23 -35.72
N GLY B 278 -12.85 28.93 -36.47
CA GLY B 278 -12.41 29.58 -37.68
C GLY B 278 -11.33 30.62 -37.46
N THR B 279 -11.37 31.26 -36.29
CA THR B 279 -10.36 32.28 -35.98
C THR B 279 -9.30 31.75 -35.02
N LEU B 280 -9.37 30.46 -34.73
CA LEU B 280 -8.43 29.85 -33.80
C LEU B 280 -6.97 29.92 -34.25
N PRO B 281 -6.65 29.49 -35.49
CA PRO B 281 -5.25 29.59 -35.93
C PRO B 281 -4.70 31.01 -35.86
N ALA B 282 -5.55 31.99 -36.18
CA ALA B 282 -5.17 33.40 -36.12
C ALA B 282 -4.82 33.82 -34.69
N LYS B 283 -5.67 33.48 -33.75
CA LYS B 283 -5.45 33.83 -32.34
C LYS B 283 -4.20 33.18 -31.78
N LEU B 284 -3.98 31.92 -32.16
CA LEU B 284 -2.82 31.18 -31.70
C LEU B 284 -1.53 31.77 -32.26
N LEU B 285 -1.56 32.15 -33.53
CA LEU B 285 -0.39 32.79 -34.11
C LEU B 285 -0.07 34.11 -33.40
N LYS B 286 -1.09 34.94 -33.22
CA LYS B 286 -0.90 36.28 -32.64
C LYS B 286 -0.31 36.22 -31.24
N LYS B 287 -0.57 35.12 -30.53
CA LYS B 287 -0.10 34.98 -29.16
C LYS B 287 1.04 33.96 -29.04
N SER B 288 1.49 33.41 -30.17
CA SER B 288 2.42 32.29 -30.10
C SER B 288 1.91 31.26 -29.10
N ALA B 289 0.61 31.00 -29.14
CA ALA B 289 0.00 30.13 -28.13
C ALA B 289 -0.39 28.79 -28.72
N SER B 290 -0.78 27.85 -27.87
CA SER B 290 -1.05 26.52 -28.36
C SER B 290 -2.30 25.88 -27.79
N VAL B 291 -2.85 24.96 -28.58
CA VAL B 291 -3.93 24.08 -28.16
C VAL B 291 -3.41 22.66 -28.29
N GLN B 292 -3.40 21.95 -27.16
CA GLN B 292 -2.76 20.63 -27.07
C GLN B 292 -3.73 19.57 -26.54
N GLY B 293 -3.97 18.52 -27.33
CA GLY B 293 -4.84 17.44 -26.92
C GLY B 293 -4.14 16.48 -25.98
N PHE B 294 -4.92 15.80 -25.14
CA PHE B 294 -4.37 14.80 -24.23
C PHE B 294 -5.31 13.62 -24.11
N PHE B 295 -4.78 12.41 -24.34
CA PHE B 295 -5.55 11.18 -24.19
C PHE B 295 -4.74 10.26 -23.28
N LEU B 296 -5.30 9.93 -22.12
CA LEU B 296 -4.57 9.15 -21.13
C LEU B 296 -3.84 7.94 -21.72
N ASN B 297 -4.52 7.22 -22.61
CA ASN B 297 -4.00 5.96 -23.14
C ASN B 297 -2.75 6.10 -24.01
N HIS B 298 -2.40 7.34 -24.38
CA HIS B 298 -1.17 7.57 -25.13
C HIS B 298 0.03 7.79 -24.23
N TYR B 299 -0.22 7.81 -22.92
CA TYR B 299 0.82 8.13 -21.95
C TYR B 299 0.98 7.04 -20.89
N LEU B 300 0.64 5.80 -21.25
CA LEU B 300 0.70 4.71 -20.30
C LEU B 300 2.11 4.46 -19.73
N SER B 301 3.14 4.86 -20.47
CA SER B 301 4.51 4.73 -19.97
C SER B 301 4.75 5.60 -18.74
N LYS B 302 3.88 6.57 -18.51
CA LYS B 302 4.00 7.46 -17.37
C LYS B 302 3.09 7.02 -16.23
N TYR B 303 2.25 6.05 -16.50
CA TYR B 303 1.13 5.75 -15.62
C TYR B 303 1.57 5.19 -14.26
N GLN B 304 2.45 4.21 -14.28
CA GLN B 304 2.87 3.57 -13.03
C GLN B 304 3.47 4.57 -12.05
N ALA B 305 4.31 5.47 -12.54
CA ALA B 305 4.94 6.47 -11.71
C ALA B 305 3.94 7.51 -11.19
N ALA B 306 3.02 7.94 -12.05
CA ALA B 306 1.98 8.86 -11.62
C ALA B 306 1.18 8.25 -10.47
N MET B 307 0.74 7.01 -10.67
CA MET B 307 -0.11 6.35 -9.68
C MET B 307 0.66 6.15 -8.38
N SER B 308 1.94 5.87 -8.49
CA SER B 308 2.79 5.65 -7.33
C SER B 308 2.84 6.93 -6.50
N HIS B 309 3.09 8.05 -7.17
CA HIS B 309 3.16 9.33 -6.47
C HIS B 309 1.80 9.74 -5.93
N LEU B 310 0.76 9.54 -6.73
CA LEU B 310 -0.60 9.89 -6.31
C LEU B 310 -0.97 9.15 -5.03
N LEU B 311 -0.66 7.87 -5.00
CA LEU B 311 -1.02 7.03 -3.88
C LEU B 311 -0.33 7.53 -2.64
N GLU B 312 0.90 8.01 -2.83
CA GLU B 312 1.65 8.51 -1.71
C GLU B 312 1.05 9.73 -1.05
N MET B 313 0.67 10.68 -1.87
CA MET B 313 0.05 11.90 -1.37
C MET B 313 -1.32 11.62 -0.75
N CYS B 314 -2.05 10.69 -1.35
CA CYS B 314 -3.35 10.32 -0.82
C CYS B 314 -3.23 9.75 0.60
N VAL B 315 -2.39 8.74 0.76
CA VAL B 315 -2.27 8.08 2.06
C VAL B 315 -1.68 9.00 3.14
N SER B 316 -0.79 9.90 2.73
CA SER B 316 -0.14 10.80 3.67
C SER B 316 -1.02 11.98 4.06
N GLY B 317 -2.09 12.21 3.29
CA GLY B 317 -3.00 13.32 3.55
C GLY B 317 -2.61 14.61 2.85
N ASP B 318 -1.67 14.53 1.92
CA ASP B 318 -1.20 15.71 1.20
C ASP B 318 -2.01 15.97 -0.07
N LEU B 319 -3.04 15.15 -0.30
CA LEU B 319 -3.92 15.30 -1.44
C LEU B 319 -5.33 14.98 -1.03
N VAL B 320 -6.25 15.92 -1.23
CA VAL B 320 -7.66 15.66 -0.98
C VAL B 320 -8.23 14.89 -2.15
N CYS B 321 -8.87 13.76 -1.87
CA CYS B 321 -9.41 12.90 -2.91
C CYS B 321 -10.91 12.77 -2.70
N GLU B 322 -11.63 13.84 -3.04
CA GLU B 322 -13.04 13.94 -2.73
C GLU B 322 -13.85 12.91 -3.50
N VAL B 323 -14.74 12.24 -2.77
CA VAL B 323 -15.58 11.20 -3.35
C VAL B 323 -17.04 11.61 -3.24
N ASP B 324 -17.76 11.53 -4.35
CA ASP B 324 -19.20 11.73 -4.34
C ASP B 324 -19.92 10.39 -4.56
N LEU B 325 -20.29 9.74 -3.46
CA LEU B 325 -21.06 8.50 -3.56
C LEU B 325 -22.56 8.74 -3.63
N GLY B 326 -22.95 9.99 -3.85
CA GLY B 326 -24.34 10.33 -4.07
C GLY B 326 -25.22 10.34 -2.83
N ASP B 327 -24.57 10.34 -1.67
CA ASP B 327 -25.30 10.31 -0.39
C ASP B 327 -26.24 11.51 -0.25
N LEU B 328 -26.00 12.55 -1.04
CA LEU B 328 -26.80 13.76 -0.97
C LEU B 328 -27.59 13.96 -2.25
N SER B 329 -27.63 12.92 -3.09
CA SER B 329 -28.43 12.95 -4.31
C SER B 329 -29.89 12.67 -3.95
N PRO B 330 -30.80 12.85 -4.91
CA PRO B 330 -32.24 12.65 -4.67
C PRO B 330 -32.58 11.25 -4.15
N GLU B 331 -32.10 10.21 -4.84
CA GLU B 331 -32.41 8.84 -4.44
C GLU B 331 -31.33 8.25 -3.53
N GLY B 332 -30.36 9.07 -3.16
CA GLY B 332 -29.38 8.67 -2.17
C GLY B 332 -28.18 7.92 -2.70
N ARG B 333 -27.43 7.33 -1.79
CA ARG B 333 -26.16 6.68 -2.10
C ARG B 333 -26.23 5.79 -3.33
N PHE B 334 -25.26 5.95 -4.22
CA PHE B 334 -25.21 5.14 -5.43
C PHE B 334 -24.79 3.73 -5.06
N THR B 335 -25.77 2.88 -4.75
CA THR B 335 -25.50 1.50 -4.38
C THR B 335 -26.00 0.54 -5.46
N GLY B 336 -25.17 -0.43 -5.83
CA GLY B 336 -25.52 -1.41 -6.85
C GLY B 336 -25.31 -0.94 -8.28
N LEU B 337 -25.21 -1.89 -9.20
CA LEU B 337 -25.01 -1.55 -10.61
C LEU B 337 -26.13 -0.67 -11.17
N GLU B 338 -27.37 -0.92 -10.75
CA GLU B 338 -28.49 -0.17 -11.28
C GLU B 338 -28.39 1.33 -10.98
N SER B 339 -27.66 1.68 -9.92
CA SER B 339 -27.52 3.09 -9.57
C SER B 339 -26.57 3.83 -10.51
N ILE B 340 -25.85 3.08 -11.34
CA ILE B 340 -24.93 3.67 -12.31
C ILE B 340 -25.66 4.56 -13.31
N PHE B 341 -26.90 4.19 -13.64
CA PHE B 341 -27.72 5.04 -14.50
C PHE B 341 -28.00 6.37 -13.82
N ARG B 342 -28.36 6.31 -12.54
CA ARG B 342 -28.57 7.50 -11.73
C ARG B 342 -27.32 8.36 -11.66
N ALA B 343 -26.17 7.70 -11.48
CA ALA B 343 -24.92 8.40 -11.24
C ALA B 343 -24.45 9.15 -12.48
N VAL B 344 -24.55 8.50 -13.64
CA VAL B 344 -24.27 9.15 -14.93
C VAL B 344 -25.15 10.38 -15.11
N ASN B 345 -26.45 10.23 -14.88
CA ASN B 345 -27.34 11.38 -14.97
C ASN B 345 -26.92 12.50 -14.04
N TYR B 346 -26.48 12.13 -12.84
CA TYR B 346 -26.05 13.07 -11.81
C TYR B 346 -24.89 13.91 -12.32
N MET B 347 -23.95 13.27 -13.00
CA MET B 347 -22.80 13.98 -13.53
C MET B 347 -23.28 15.01 -14.55
N TYR B 348 -24.16 14.57 -15.44
CA TYR B 348 -24.57 15.42 -16.55
C TYR B 348 -25.61 16.48 -16.15
N MET B 349 -26.12 16.38 -14.91
CA MET B 349 -26.90 17.46 -14.32
C MET B 349 -25.98 18.44 -13.62
N GLY B 350 -24.70 18.06 -13.53
CA GLY B 350 -23.68 18.91 -12.95
C GLY B 350 -23.71 19.02 -11.45
N LYS B 351 -24.15 17.95 -10.78
CA LYS B 351 -24.45 18.01 -9.37
C LYS B 351 -23.31 17.59 -8.44
N ASN B 352 -22.32 16.91 -9.00
CA ASN B 352 -21.28 16.29 -8.17
C ASN B 352 -20.15 17.21 -7.74
N THR B 353 -19.63 16.94 -6.55
CA THR B 353 -18.41 17.56 -6.09
C THR B 353 -17.43 16.43 -5.83
N GLY B 354 -16.31 16.45 -6.54
CA GLY B 354 -15.37 15.34 -6.50
C GLY B 354 -15.76 14.21 -7.44
N LYS B 355 -15.09 13.07 -7.28
CA LYS B 355 -15.26 11.91 -8.16
C LYS B 355 -16.54 11.12 -7.87
N ILE B 356 -17.37 10.92 -8.88
CA ILE B 356 -18.53 10.05 -8.79
C ILE B 356 -18.12 8.58 -8.76
N VAL B 357 -18.52 7.89 -7.69
CA VAL B 357 -18.17 6.49 -7.47
C VAL B 357 -19.42 5.73 -7.06
N VAL B 358 -19.55 4.51 -7.55
CA VAL B 358 -20.71 3.68 -7.21
C VAL B 358 -20.25 2.52 -6.36
N GLU B 359 -21.01 2.19 -5.31
CA GLU B 359 -20.61 1.10 -4.43
C GLU B 359 -21.39 -0.17 -4.74
N LEU B 360 -20.68 -1.30 -4.74
CA LEU B 360 -21.30 -2.61 -4.90
C LEU B 360 -21.07 -3.40 -3.61
N PRO B 361 -22.01 -3.29 -2.66
CA PRO B 361 -21.84 -3.82 -1.30
C PRO B 361 -21.61 -5.33 -1.28
C1 EDO C . 8.86 -30.99 27.12
O1 EDO C . 9.00 -32.41 27.24
C2 EDO C . 10.20 -30.28 26.97
O2 EDO C . 11.14 -30.87 27.89
C1 EDO D . 32.67 -11.53 18.70
O1 EDO D . 33.48 -12.68 19.02
C2 EDO D . 33.39 -10.69 17.66
O2 EDO D . 34.43 -9.94 18.29
C1 EDO E . 4.98 -7.04 -2.13
O1 EDO E . 5.49 -8.35 -1.83
C2 EDO E . 5.80 -6.01 -1.35
O2 EDO E . 7.17 -6.07 -1.75
PA NAP F . 9.33 -13.88 9.65
O1A NAP F . 10.57 -13.57 9.07
O2A NAP F . 9.10 -15.12 10.19
O5B NAP F . 8.34 -13.84 8.51
C5B NAP F . 7.02 -14.21 8.73
C4B NAP F . 6.62 -15.54 8.04
O4B NAP F . 5.42 -16.05 8.59
C3B NAP F . 6.34 -15.41 6.55
O3B NAP F . 7.55 -15.42 5.85
C2B NAP F . 5.60 -16.71 6.34
O2B NAP F . 6.45 -17.86 6.29
C1B NAP F . 4.68 -16.71 7.56
N9A NAP F . 3.50 -15.85 7.32
C8A NAP F . 3.49 -14.61 6.86
N7A NAP F . 2.26 -14.17 6.78
C5A NAP F . 1.46 -15.12 7.19
C6A NAP F . 0.09 -15.25 7.32
N6A NAP F . -0.74 -14.27 7.02
N1A NAP F . -0.38 -16.39 7.79
C2A NAP F . 0.41 -17.39 8.10
N3A NAP F . 1.71 -17.29 7.97
C4A NAP F . 2.25 -16.18 7.53
O3 NAP F . 8.77 -12.76 10.60
PN NAP F . 9.38 -12.39 12.06
O1N NAP F . 9.45 -10.95 12.18
O2N NAP F . 10.48 -13.20 12.29
O5D NAP F . 8.19 -12.82 13.09
C5D NAP F . 7.79 -14.13 13.14
C4D NAP F . 7.00 -14.53 14.39
O4D NAP F . 7.78 -14.39 15.58
C3D NAP F . 5.87 -13.51 14.51
O3D NAP F . 4.78 -14.06 15.20
C2D NAP F . 6.52 -12.47 15.40
O2D NAP F . 5.57 -11.67 16.06
C1D NAP F . 7.15 -13.46 16.38
N1N NAP F . 8.13 -12.80 17.26
C2N NAP F . 7.89 -12.73 18.61
C3N NAP F . 8.79 -12.15 19.48
C7N NAP F . 8.48 -12.06 21.02
O7N NAP F . 9.21 -11.41 21.82
N7N NAP F . 7.39 -12.68 21.41
C4N NAP F . 9.95 -11.63 18.97
C5N NAP F . 10.21 -11.71 17.59
C6N NAP F . 9.32 -12.29 16.72
P2B NAP F . 5.80 -19.25 5.72
O1X NAP F . 4.42 -19.16 5.59
O2X NAP F . 6.58 -19.65 4.44
O3X NAP F . 6.12 -20.28 6.80
O3 X1H G . 2.68 -5.86 26.79
C21 X1H G . 2.37 -6.04 25.46
C20 X1H G . 1.63 -5.11 24.79
C18 X1H G . 1.33 -5.30 23.43
C19 X1H G . 2.86 -7.24 24.75
C17 X1H G . 2.58 -7.42 23.41
C16 X1H G . 1.80 -6.46 22.73
C15 X1H G . 1.52 -6.63 21.27
O1 X1H G . 1.34 -5.64 20.59
C8 X1H G . 1.75 -7.94 20.59
C11 X1H G . 3.19 -8.45 20.08
C13 X1H G . 4.42 -7.90 20.21
C14 X1H G . 5.56 -8.55 19.65
C12 X1H G . 5.40 -9.82 18.98
O4 X1H G . 6.52 -10.37 18.40
C10 X1H G . 4.11 -10.43 18.88
C9 X1H G . 3.01 -9.81 19.38
S1 X1H G . 1.36 -10.18 19.42
C7 X1H G . 0.63 -9.01 20.19
C4 X1H G . -0.82 -8.81 20.42
C2 X1H G . -1.24 -8.20 21.58
C1 X1H G . -2.61 -7.87 21.76
C3 X1H G . -3.52 -8.02 20.66
O2 X1H G . -4.85 -7.70 20.82
C5 X1H G . -3.06 -8.52 19.42
C6 X1H G . -1.75 -8.84 19.25
C22 X1H H . 18.91 -25.73 28.53
O3 X1H H . 20.13 -25.15 28.25
C21 X1H H . 20.75 -25.42 27.05
C20 X1H H . 21.66 -24.54 26.55
C18 X1H H . 22.31 -24.81 25.31
C19 X1H H . 20.44 -26.66 26.32
C17 X1H H . 21.06 -26.93 25.14
C16 X1H H . 22.00 -26.02 24.62
C15 X1H H . 22.69 -26.37 23.33
O1 X1H H . 22.89 -27.54 23.07
C8 X1H H . 23.33 -25.34 22.46
C11 X1H H . 24.69 -25.58 21.64
C13 X1H H . 25.50 -26.67 21.60
C14 X1H H . 26.67 -26.66 20.81
C12 X1H H . 27.00 -25.49 20.04
O4 X1H H . 28.15 -25.53 19.28
C10 X1H H . 26.17 -24.32 20.08
C9 X1H H . 25.02 -24.31 20.84
S1 X1H H . 23.80 -23.17 21.14
C7 X1H H . 22.81 -23.85 22.14
C4 X1H H . 21.52 -23.31 22.58
C2 X1H H . 21.41 -22.03 23.04
C1 X1H H . 20.12 -21.55 23.35
C3 X1H H . 18.96 -22.36 23.10
O2 X1H H . 17.72 -21.84 23.37
C5 X1H H . 19.07 -23.65 22.55
C6 X1H H . 20.32 -24.12 22.24
C1 EDO I . -9.51 8.38 -19.71
O1 EDO I . -9.53 8.13 -21.11
C2 EDO I . -10.96 8.43 -19.20
O2 EDO I . -11.74 9.22 -20.12
PA NAP J . -16.60 15.48 -13.47
O1A NAP J . -16.61 14.89 -12.23
O2A NAP J . -15.87 16.65 -13.75
O5B NAP J . -17.97 16.00 -13.69
C5B NAP J . -18.31 16.72 -14.79
C4B NAP J . -18.64 18.17 -14.46
O4B NAP J . -18.69 18.85 -15.67
C3B NAP J . -20.01 18.41 -13.83
O3B NAP J . -19.93 18.26 -12.42
C2B NAP J . -20.16 19.89 -14.19
O2B NAP J . -19.36 20.72 -13.36
C1B NAP J . -19.63 19.89 -15.62
N9A NAP J . -20.73 19.61 -16.62
C8A NAP J . -21.54 18.57 -16.70
N7A NAP J . -22.36 18.68 -17.71
C5A NAP J . -22.09 19.81 -18.32
C6A NAP J . -22.60 20.48 -19.43
N6A NAP J . -23.59 20.00 -20.14
N1A NAP J . -22.06 21.66 -19.73
C2A NAP J . -21.08 22.16 -19.03
N3A NAP J . -20.56 21.55 -17.99
C4A NAP J . -21.05 20.39 -17.62
O3 NAP J . -16.42 14.44 -14.62
PN NAP J . -15.10 13.71 -15.07
O1N NAP J . -15.33 12.31 -15.32
O2N NAP J . -14.06 14.03 -14.15
O5D NAP J . -14.71 14.36 -16.50
C5D NAP J . -14.44 15.69 -16.63
C4D NAP J . -13.80 16.02 -17.99
O4D NAP J . -12.60 15.29 -17.95
C3D NAP J . -14.55 15.49 -19.24
O3D NAP J . -14.36 16.29 -20.40
C2D NAP J . -13.82 14.20 -19.41
O2D NAP J . -13.87 13.67 -20.74
C1D NAP J . -12.42 14.72 -19.14
N1N NAP J . -11.40 13.67 -19.06
C2N NAP J . -10.46 13.47 -20.04
C3N NAP J . -9.54 12.44 -19.92
C7N NAP J . -8.46 12.17 -20.98
O7N NAP J . -7.72 11.15 -20.88
N7N NAP J . -8.39 13.06 -21.94
C4N NAP J . -9.56 11.63 -18.81
C5N NAP J . -10.50 11.84 -17.82
C6N NAP J . -11.41 12.86 -17.96
P2B NAP J . -19.67 22.27 -13.16
O1X NAP J . -20.52 22.73 -14.19
O2X NAP J . -20.32 22.47 -11.73
O3X NAP J . -18.29 22.88 -13.14
O3 X1H K . -8.71 7.33 -29.81
C21 X1H K . -9.86 7.87 -29.31
C20 X1H K . -9.83 8.69 -28.22
C18 X1H K . -11.03 9.25 -27.71
C19 X1H K . -11.17 7.56 -29.97
C17 X1H K . -12.32 8.11 -29.47
C16 X1H K . -12.28 8.94 -28.34
C15 X1H K . -13.55 9.50 -27.79
O1 X1H K . -14.61 8.93 -27.96
C8 X1H K . -13.51 10.69 -26.90
C11 X1H K . -12.99 10.71 -25.37
C13 X1H K . -12.46 9.73 -24.61
C14 X1H K . -12.07 10.01 -23.28
C12 X1H K . -12.23 11.36 -22.76
O4 X1H K . -11.92 11.58 -21.44
C10 X1H K . -12.76 12.40 -23.57
C9 X1H K . -13.17 12.13 -24.82
S1 X1H K . -13.85 13.08 -26.04
C7 X1H K . -14.03 12.16 -27.30
C4 X1H K . -14.64 12.44 -28.62
C2 X1H K . -14.02 11.97 -29.75
C1 X1H K . -14.65 12.14 -30.99
C3 X1H K . -15.97 12.71 -31.06
O2 X1H K . -16.58 12.89 -32.27
C5 X1H K . -16.65 13.09 -29.87
C6 X1H K . -16.05 12.93 -28.66
O3 X1H L . 7.25 18.81 -13.41
C21 X1H L . 6.76 19.10 -12.17
C20 X1H L . 6.63 18.10 -11.24
C18 X1H L . 6.11 18.38 -9.97
C19 X1H L . 6.36 20.49 -11.83
C17 X1H L . 5.86 20.76 -10.58
C16 X1H L . 5.73 19.72 -9.64
C15 X1H L . 5.16 20.01 -8.29
O1 X1H L . 5.13 21.15 -7.86
C8 X1H L . 4.60 18.89 -7.47
C11 X1H L . 4.99 18.61 -5.94
C13 X1H L . 5.82 19.26 -5.09
C14 X1H L . 6.00 18.79 -3.76
C12 X1H L . 5.28 17.61 -3.31
O4 X1H L . 5.45 17.17 -2.02
C10 X1H L . 4.41 16.91 -4.19
C9 X1H L . 4.23 17.36 -5.47
S1 X1H L . 3.30 16.80 -6.77
C7 X1H L . 3.57 17.77 -7.96
C4 X1H L . 2.96 17.64 -9.31
C2 X1H L . 2.99 16.44 -9.94
C1 X1H L . 2.41 16.33 -11.22
C3 X1H L . 1.79 17.46 -11.83
O2 X1H L . 1.21 17.34 -13.07
C5 X1H L . 1.76 18.71 -11.16
C6 X1H L . 2.33 18.83 -9.93
#